data_6A8B
#
_entry.id   6A8B
#
_cell.length_a   100.395
_cell.length_b   100.395
_cell.length_c   125.785
_cell.angle_alpha   90.00
_cell.angle_beta   90.00
_cell.angle_gamma   120.00
#
_symmetry.space_group_name_H-M   'P 61'
#
loop_
_entity.id
_entity.type
_entity.pdbx_description
1 polymer Ribokinase
2 non-polymer 'PHOSPHOMETHYLPHOSPHONIC ACID ADENYLATE ESTER'
3 non-polymer GLYCEROL
4 non-polymer 'CHLORIDE ION'
5 non-polymer 'SODIUM ION'
6 water water
#
_entity_poly.entity_id   1
_entity_poly.type   'polypeptide(L)'
_entity_poly.pdbx_seq_one_letter_code
;MGSSHHHHHHSSGLVPRGSHMHRARNVRSHTGEYAPDILVVGSCFLDYVGYVDHMPQVGETMHSVSFHKGFGGKGANQAV
AAGRLGAKVAMVSMVGTDGDGSDYIKELERNGVDTAYMFRTGKSSTGLAMILVDTKSSNNEIVICPNATNHFTPELLRAQ
TNNYERILHTGLKYLICQNEIPLPTTLDTIKEAHSRGVYTVFNSAPAPKPAEVEQIKPFLPYVSLFCPNEVEATLITGVK
VTDTESAFSAIKALQQLGVRDVVITLGAAGFVLSENGAEPVHVTGKHVKAVDTTGAGDCFVGSMVYFMSRGRNLLEACKR
ANECAAISVTRKGTQLSYPHPSELPAGVM
;
_entity_poly.pdbx_strand_id   A,B
#
loop_
_chem_comp.id
_chem_comp.type
_chem_comp.name
_chem_comp.formula
ACP non-polymer 'PHOSPHOMETHYLPHOSPHONIC ACID ADENYLATE ESTER' 'C11 H18 N5 O12 P3'
CL non-polymer 'CHLORIDE ION' 'Cl -1'
GOL non-polymer GLYCEROL 'C3 H8 O3'
NA non-polymer 'SODIUM ION' 'Na 1'
#
# COMPACT_ATOMS: atom_id res chain seq x y z
N ARG A 23 4.36 17.35 12.61
CA ARG A 23 3.37 16.56 13.40
C ARG A 23 1.97 16.68 12.77
N ALA A 24 1.52 15.64 12.08
CA ALA A 24 0.12 15.45 11.63
C ALA A 24 -0.76 15.25 12.88
N ARG A 25 -0.24 14.59 13.91
CA ARG A 25 -1.06 14.18 15.09
C ARG A 25 -1.49 15.39 15.90
N ASN A 26 -2.63 15.28 16.58
CA ASN A 26 -3.08 16.21 17.66
C ASN A 26 -2.04 16.23 18.80
N VAL A 27 -2.10 17.30 19.60
CA VAL A 27 -1.30 17.53 20.83
C VAL A 27 -2.30 17.68 21.97
N ARG A 28 -2.08 16.92 23.06
CA ARG A 28 -2.90 17.01 24.30
C ARG A 28 -2.45 18.27 25.01
N SER A 29 -3.29 18.95 25.79
CA SER A 29 -2.92 20.20 26.50
C SER A 29 -2.50 19.87 27.94
N HIS A 30 -1.75 20.78 28.59
CA HIS A 30 -1.21 20.62 29.98
C HIS A 30 -2.35 20.33 30.97
N THR A 31 -3.51 20.97 30.80
CA THR A 31 -4.72 20.86 31.67
C THR A 31 -5.56 19.63 31.25
N GLY A 32 -5.54 19.27 29.97
CA GLY A 32 -6.34 18.16 29.42
C GLY A 32 -7.72 18.64 29.06
N GLU A 33 -7.84 19.89 28.62
CA GLU A 33 -9.16 20.52 28.35
C GLU A 33 -9.85 19.82 27.16
N TYR A 34 -9.11 19.12 26.28
CA TYR A 34 -9.67 18.44 25.08
C TYR A 34 -9.73 16.92 25.28
N ALA A 35 -9.59 16.44 26.53
CA ALA A 35 -9.60 14.99 26.91
C ALA A 35 -10.86 14.31 26.39
N PRO A 36 -10.75 13.11 25.82
CA PRO A 36 -11.91 12.44 25.21
C PRO A 36 -12.90 11.82 26.21
N ASP A 37 -14.14 11.66 25.78
CA ASP A 37 -15.20 10.87 26.48
C ASP A 37 -15.00 9.38 26.20
N ILE A 38 -14.57 9.08 24.98
CA ILE A 38 -14.45 7.71 24.43
C ILE A 38 -13.02 7.48 23.93
N LEU A 39 -12.40 6.42 24.43
CA LEU A 39 -11.08 5.94 23.99
C LEU A 39 -11.26 4.63 23.22
N VAL A 40 -10.72 4.57 22.01
CA VAL A 40 -10.62 3.33 21.20
C VAL A 40 -9.16 2.89 21.17
N VAL A 41 -8.89 1.69 21.70
CA VAL A 41 -7.55 1.06 21.68
C VAL A 41 -7.66 -0.14 20.74
N GLY A 42 -7.09 -0.01 19.55
CA GLY A 42 -7.30 -1.01 18.49
C GLY A 42 -6.53 -0.68 17.23
N SER A 43 -6.98 -1.26 16.14
CA SER A 43 -6.25 -1.43 14.87
C SER A 43 -6.61 -0.31 13.87
N CYS A 44 -5.61 0.14 13.13
CA CYS A 44 -5.76 0.97 11.92
C CYS A 44 -5.09 0.24 10.76
N PHE A 45 -5.85 -0.18 9.75
CA PHE A 45 -5.35 -0.79 8.51
C PHE A 45 -5.79 0.03 7.30
N LEU A 46 -4.87 0.31 6.39
CA LEU A 46 -5.23 0.80 5.04
C LEU A 46 -5.76 -0.38 4.24
N ASP A 47 -6.80 -0.18 3.44
CA ASP A 47 -7.35 -1.24 2.58
C ASP A 47 -6.90 -0.93 1.16
N TYR A 48 -6.06 -1.76 0.59
CA TYR A 48 -5.53 -1.58 -0.78
C TYR A 48 -6.38 -2.51 -1.65
N VAL A 49 -7.28 -1.96 -2.47
CA VAL A 49 -8.28 -2.81 -3.18
C VAL A 49 -7.98 -2.80 -4.68
N GLY A 50 -7.55 -3.95 -5.21
CA GLY A 50 -7.28 -4.15 -6.63
C GLY A 50 -8.43 -4.92 -7.23
N TYR A 51 -9.13 -4.29 -8.17
CA TYR A 51 -10.21 -4.91 -8.96
C TYR A 51 -9.57 -5.64 -10.14
N VAL A 52 -9.94 -6.90 -10.34
CA VAL A 52 -9.29 -7.79 -11.34
C VAL A 52 -10.35 -8.50 -12.18
N ASP A 53 -10.02 -8.76 -13.45
CA ASP A 53 -10.86 -9.54 -14.40
C ASP A 53 -10.84 -11.01 -13.99
N HIS A 54 -9.80 -11.48 -13.31
CA HIS A 54 -9.74 -12.85 -12.75
C HIS A 54 -8.73 -12.84 -11.59
N MET A 55 -8.82 -13.81 -10.68
CA MET A 55 -7.82 -13.95 -9.60
C MET A 55 -6.51 -14.40 -10.22
N PRO A 56 -5.36 -13.86 -9.77
CA PRO A 56 -4.09 -14.29 -10.33
C PRO A 56 -3.79 -15.77 -9.97
N GLN A 57 -3.25 -16.51 -10.94
CA GLN A 57 -2.80 -17.91 -10.73
C GLN A 57 -1.34 -17.84 -10.27
N VAL A 58 -0.86 -18.88 -9.60
CA VAL A 58 0.54 -18.94 -9.13
C VAL A 58 1.40 -18.47 -10.30
N GLY A 59 2.34 -17.55 -10.09
CA GLY A 59 3.31 -17.10 -11.09
C GLY A 59 2.80 -15.98 -12.00
N GLU A 60 1.53 -15.59 -11.92
CA GLU A 60 0.94 -14.59 -12.87
C GLU A 60 1.24 -13.15 -12.41
N THR A 61 1.71 -12.30 -13.33
CA THR A 61 1.74 -10.83 -13.24
C THR A 61 0.60 -10.27 -14.10
N MET A 62 -0.36 -9.56 -13.49
CA MET A 62 -1.50 -8.93 -14.22
C MET A 62 -1.65 -7.47 -13.78
N HIS A 63 -2.45 -6.72 -14.54
CA HIS A 63 -2.92 -5.36 -14.19
C HIS A 63 -4.29 -5.44 -13.57
N SER A 64 -4.63 -4.46 -12.72
CA SER A 64 -5.98 -4.25 -12.17
C SER A 64 -6.82 -3.57 -13.27
N VAL A 65 -8.14 -3.67 -13.16
CA VAL A 65 -9.07 -2.87 -14.03
C VAL A 65 -9.41 -1.56 -13.32
N SER A 66 -9.25 -1.55 -12.00
CA SER A 66 -9.59 -0.41 -11.12
C SER A 66 -8.84 -0.60 -9.79
N PHE A 67 -8.66 0.48 -9.03
CA PHE A 67 -8.01 0.48 -7.70
C PHE A 67 -8.76 1.43 -6.74
N HIS A 68 -8.86 1.07 -5.46
CA HIS A 68 -9.50 1.90 -4.42
C HIS A 68 -8.64 1.77 -3.16
N LYS A 69 -8.31 2.91 -2.56
CA LYS A 69 -7.66 2.96 -1.23
C LYS A 69 -8.72 3.37 -0.21
N GLY A 70 -8.93 2.53 0.79
CA GLY A 70 -9.91 2.78 1.87
C GLY A 70 -9.20 2.78 3.21
N PHE A 71 -9.84 3.30 4.22
CA PHE A 71 -9.34 3.39 5.62
C PHE A 71 -10.13 2.35 6.41
N GLY A 72 -9.45 1.33 6.93
CA GLY A 72 -10.08 0.20 7.63
C GLY A 72 -9.40 -0.09 8.95
N GLY A 73 -9.51 -1.34 9.40
CA GLY A 73 -9.15 -1.72 10.77
C GLY A 73 -10.37 -1.51 11.61
N LYS A 74 -10.80 -2.52 12.36
CA LYS A 74 -12.02 -2.46 13.19
C LYS A 74 -11.91 -1.32 14.23
N GLY A 75 -10.74 -1.12 14.83
CA GLY A 75 -10.56 -0.03 15.81
C GLY A 75 -10.90 1.32 15.21
N ALA A 76 -10.24 1.65 14.10
CA ALA A 76 -10.43 2.93 13.40
C ALA A 76 -11.86 3.02 12.88
N ASN A 77 -12.40 1.94 12.33
CA ASN A 77 -13.81 1.91 11.85
C ASN A 77 -14.74 2.29 13.00
N GLN A 78 -14.50 1.75 14.19
CA GLN A 78 -15.40 2.03 15.32
C GLN A 78 -15.22 3.47 15.80
N ALA A 79 -13.99 3.98 15.86
CA ALA A 79 -13.72 5.39 16.24
C ALA A 79 -14.35 6.34 15.23
N VAL A 80 -14.24 6.05 13.95
CA VAL A 80 -14.78 6.93 12.87
C VAL A 80 -16.31 6.88 12.86
N ALA A 81 -16.93 5.73 13.10
CA ALA A 81 -18.42 5.70 13.21
C ALA A 81 -18.85 6.69 14.27
N ALA A 82 -18.20 6.68 15.43
CA ALA A 82 -18.49 7.60 16.57
C ALA A 82 -18.13 9.05 16.20
N GLY A 83 -16.95 9.26 15.61
CA GLY A 83 -16.46 10.60 15.24
C GLY A 83 -17.38 11.27 14.23
N ARG A 84 -17.90 10.54 13.25
CA ARG A 84 -18.83 11.08 12.24
C ARG A 84 -20.13 11.59 12.89
N LEU A 85 -20.50 11.11 14.09
CA LEU A 85 -21.76 11.53 14.78
C LEU A 85 -21.45 12.66 15.76
N GLY A 86 -20.17 13.02 15.90
CA GLY A 86 -19.75 14.13 16.74
C GLY A 86 -19.10 13.66 18.03
N ALA A 87 -18.76 12.36 18.16
CA ALA A 87 -18.17 11.84 19.43
C ALA A 87 -16.86 12.55 19.80
N LYS A 88 -16.64 12.79 21.09
CA LYS A 88 -15.32 13.20 21.63
C LYS A 88 -14.46 11.95 21.81
N VAL A 89 -13.97 11.39 20.70
CA VAL A 89 -13.33 10.04 20.68
C VAL A 89 -11.85 10.25 20.32
N ALA A 90 -10.98 9.40 20.86
CA ALA A 90 -9.53 9.40 20.59
C ALA A 90 -9.12 7.98 20.22
N MET A 91 -8.24 7.87 19.22
CA MET A 91 -7.74 6.60 18.68
C MET A 91 -6.37 6.34 19.28
N VAL A 92 -6.22 5.18 19.92
CA VAL A 92 -4.90 4.72 20.45
C VAL A 92 -4.53 3.50 19.63
N SER A 93 -3.42 3.55 18.90
CA SER A 93 -3.05 2.51 17.94
C SER A 93 -1.58 2.71 17.57
N MET A 94 -1.05 1.84 16.75
CA MET A 94 0.28 2.08 16.17
C MET A 94 0.19 2.03 14.65
N VAL A 95 0.81 3.04 14.03
CA VAL A 95 1.03 3.11 12.56
C VAL A 95 2.52 3.36 12.31
N GLY A 96 2.91 3.37 11.04
CA GLY A 96 4.30 3.66 10.62
C GLY A 96 4.66 5.13 10.67
N THR A 97 5.94 5.46 10.53
CA THR A 97 6.38 6.82 10.18
C THR A 97 6.18 7.03 8.68
N ASP A 98 5.76 6.01 7.95
CA ASP A 98 5.56 6.09 6.48
C ASP A 98 4.39 7.07 6.18
N GLY A 99 4.29 7.50 4.91
CA GLY A 99 3.21 8.35 4.40
C GLY A 99 1.81 7.79 4.66
N ASP A 100 1.65 6.46 4.63
CA ASP A 100 0.36 5.75 4.89
C ASP A 100 -0.12 6.04 6.31
N GLY A 101 0.79 6.03 7.31
CA GLY A 101 0.51 6.44 8.70
C GLY A 101 0.06 7.88 8.79
N SER A 102 0.76 8.78 8.07
CA SER A 102 0.42 10.21 8.04
C SER A 102 -0.96 10.38 7.40
N ASP A 103 -1.22 9.65 6.31
CA ASP A 103 -2.55 9.68 5.65
C ASP A 103 -3.66 9.25 6.63
N TYR A 104 -3.45 8.17 7.38
CA TYR A 104 -4.45 7.67 8.36
C TYR A 104 -4.69 8.74 9.44
N ILE A 105 -3.62 9.27 10.00
CA ILE A 105 -3.73 10.26 11.10
C ILE A 105 -4.57 11.47 10.63
N LYS A 106 -4.33 11.97 9.42
CA LYS A 106 -5.13 13.09 8.86
C LYS A 106 -6.59 12.65 8.71
N GLU A 107 -6.83 11.45 8.18
CA GLU A 107 -8.18 10.96 7.88
C GLU A 107 -8.98 10.86 9.19
N LEU A 108 -8.31 10.45 10.27
CA LEU A 108 -8.99 10.30 11.57
C LEU A 108 -9.45 11.69 12.00
N GLU A 109 -8.57 12.68 11.86
CA GLU A 109 -8.89 14.06 12.30
C GLU A 109 -10.09 14.61 11.51
N ARG A 110 -10.11 14.36 10.21
CA ARG A 110 -11.19 14.83 9.31
C ARG A 110 -12.50 14.14 9.66
N ASN A 111 -12.48 13.04 10.43
CA ASN A 111 -13.69 12.26 10.77
C ASN A 111 -13.97 12.38 12.26
N GLY A 112 -13.30 13.35 12.88
CA GLY A 112 -13.61 13.82 14.24
C GLY A 112 -12.96 12.95 15.31
N VAL A 113 -11.86 12.28 14.98
CA VAL A 113 -11.12 11.42 15.95
C VAL A 113 -9.81 12.10 16.34
N ASP A 114 -9.59 12.22 17.64
CA ASP A 114 -8.34 12.76 18.22
C ASP A 114 -7.20 11.74 18.03
N THR A 115 -6.01 12.20 17.59
CA THR A 115 -4.88 11.33 17.18
C THR A 115 -3.67 11.53 18.08
N ALA A 116 -3.83 12.26 19.18
CA ALA A 116 -2.71 12.57 20.09
C ALA A 116 -2.03 11.29 20.60
N TYR A 117 -2.74 10.16 20.71
CA TYR A 117 -2.14 8.91 21.28
C TYR A 117 -2.01 7.86 20.20
N MET A 118 -1.99 8.29 18.95
CA MET A 118 -1.52 7.44 17.83
C MET A 118 0.00 7.27 18.00
N PHE A 119 0.51 6.04 18.12
CA PHE A 119 1.98 5.79 18.19
C PHE A 119 2.49 5.56 16.78
N ARG A 120 3.74 5.95 16.53
CA ARG A 120 4.38 5.82 15.20
C ARG A 120 5.69 5.05 15.40
N THR A 121 5.89 4.00 14.60
CA THR A 121 7.14 3.23 14.60
C THR A 121 7.82 3.44 13.24
N GLY A 122 9.14 3.62 13.29
CA GLY A 122 10.01 3.65 12.10
C GLY A 122 10.44 2.25 11.69
N LYS A 123 10.08 1.22 12.47
CA LYS A 123 10.59 -0.16 12.30
C LYS A 123 9.57 -1.01 11.52
N SER A 124 8.35 -0.51 11.32
CA SER A 124 7.27 -1.28 10.66
C SER A 124 6.51 -0.31 9.76
N SER A 125 5.91 -0.85 8.70
CA SER A 125 4.92 -0.14 7.88
C SER A 125 3.61 0.02 8.66
N THR A 126 2.75 0.92 8.20
CA THR A 126 1.36 0.97 8.66
C THR A 126 0.69 -0.36 8.30
N GLY A 127 -0.13 -0.88 9.20
CA GLY A 127 -0.98 -2.04 8.91
C GLY A 127 -1.83 -1.85 7.66
N LEU A 128 -2.09 -2.93 6.93
CA LEU A 128 -2.91 -2.84 5.70
C LEU A 128 -3.48 -4.22 5.36
N ALA A 129 -4.52 -4.23 4.56
CA ALA A 129 -5.11 -5.40 3.90
C ALA A 129 -4.91 -5.23 2.39
N MET A 130 -4.31 -6.25 1.75
CA MET A 130 -4.21 -6.38 0.28
C MET A 130 -5.39 -7.22 -0.18
N ILE A 131 -6.29 -6.60 -0.93
CA ILE A 131 -7.65 -7.12 -1.21
C ILE A 131 -7.81 -7.17 -2.73
N LEU A 132 -8.08 -8.36 -3.27
CA LEU A 132 -8.37 -8.53 -4.71
C LEU A 132 -9.86 -8.84 -4.86
N VAL A 133 -10.53 -8.08 -5.72
CA VAL A 133 -12.00 -8.16 -5.95
C VAL A 133 -12.22 -8.47 -7.43
N ASP A 134 -12.83 -9.63 -7.70
CA ASP A 134 -13.33 -10.02 -9.03
C ASP A 134 -14.82 -9.65 -9.04
N THR A 135 -15.14 -8.48 -9.59
CA THR A 135 -16.51 -7.92 -9.69
C THR A 135 -17.42 -8.91 -10.44
N LYS A 136 -16.95 -9.46 -11.57
CA LYS A 136 -17.72 -10.40 -12.44
C LYS A 136 -18.18 -11.58 -11.57
N SER A 137 -17.24 -12.32 -10.98
CA SER A 137 -17.51 -13.50 -10.11
C SER A 137 -17.91 -13.07 -8.68
N SER A 138 -17.83 -11.78 -8.35
CA SER A 138 -17.97 -11.18 -7.00
C SER A 138 -17.33 -12.07 -5.92
N ASN A 139 -16.08 -12.50 -6.15
CA ASN A 139 -15.24 -13.20 -5.15
C ASN A 139 -14.10 -12.28 -4.69
N ASN A 140 -13.55 -12.55 -3.50
CA ASN A 140 -12.44 -11.77 -2.89
C ASN A 140 -11.28 -12.71 -2.55
N GLU A 141 -10.07 -12.14 -2.58
CA GLU A 141 -8.88 -12.70 -1.89
C GLU A 141 -8.24 -11.56 -1.08
N ILE A 142 -8.01 -11.80 0.20
CA ILE A 142 -7.54 -10.79 1.18
C ILE A 142 -6.34 -11.36 1.91
N VAL A 143 -5.26 -10.60 1.94
CA VAL A 143 -4.06 -10.88 2.78
C VAL A 143 -3.90 -9.72 3.77
N ILE A 144 -4.04 -10.03 5.05
CA ILE A 144 -4.00 -9.05 6.15
C ILE A 144 -2.55 -8.95 6.60
N CYS A 145 -2.04 -7.71 6.61
CA CYS A 145 -0.63 -7.41 6.96
C CYS A 145 -0.64 -6.46 8.15
N PRO A 146 -0.73 -6.98 9.39
CA PRO A 146 -0.90 -6.10 10.54
C PRO A 146 0.30 -5.18 10.78
N ASN A 147 1.48 -5.60 10.36
CA ASN A 147 2.68 -4.73 10.26
C ASN A 147 2.92 -4.10 11.64
N ALA A 148 2.92 -2.77 11.75
CA ALA A 148 3.14 -2.04 13.02
C ALA A 148 2.21 -2.56 14.14
N THR A 149 0.98 -2.97 13.82
CA THR A 149 -0.01 -3.42 14.84
C THR A 149 0.59 -4.53 15.70
N ASN A 150 1.42 -5.41 15.12
CA ASN A 150 1.97 -6.60 15.82
C ASN A 150 2.91 -6.14 16.92
N HIS A 151 3.40 -4.89 16.88
CA HIS A 151 4.35 -4.35 17.88
C HIS A 151 3.64 -3.45 18.89
N PHE A 152 2.30 -3.38 18.84
CA PHE A 152 1.47 -2.55 19.74
C PHE A 152 1.20 -3.40 20.98
N THR A 153 2.21 -3.56 21.81
CA THR A 153 2.20 -4.53 22.94
C THR A 153 1.80 -3.82 24.22
N PRO A 154 1.42 -4.54 25.29
CA PRO A 154 1.19 -3.86 26.56
C PRO A 154 2.42 -3.10 27.06
N GLU A 155 3.61 -3.70 26.91
CA GLU A 155 4.86 -3.10 27.42
C GLU A 155 5.09 -1.76 26.72
N LEU A 156 4.94 -1.70 25.38
CA LEU A 156 5.12 -0.45 24.60
C LEU A 156 4.07 0.56 25.06
N LEU A 157 2.81 0.13 25.12
CA LEU A 157 1.70 1.03 25.53
C LEU A 157 1.99 1.60 26.91
N ARG A 158 2.30 0.76 27.90
CA ARG A 158 2.65 1.25 29.25
C ARG A 158 3.84 2.22 29.19
N ALA A 159 4.90 1.89 28.44
CA ALA A 159 6.12 2.74 28.37
C ALA A 159 5.78 4.14 27.83
N GLN A 160 4.83 4.24 26.92
CA GLN A 160 4.52 5.50 26.19
C GLN A 160 3.46 6.31 26.95
N THR A 161 2.75 5.71 27.92
CA THR A 161 1.56 6.34 28.56
C THR A 161 1.73 6.39 30.09
N ASN A 162 2.94 6.17 30.62
CA ASN A 162 3.18 6.13 32.08
C ASN A 162 2.20 5.14 32.74
N ASN A 163 2.27 3.87 32.36
CA ASN A 163 1.41 2.79 32.88
C ASN A 163 -0.06 3.22 32.77
N TYR A 164 -0.45 3.71 31.58
CA TYR A 164 -1.85 4.01 31.16
C TYR A 164 -2.35 5.36 31.73
N GLU A 165 -1.62 6.00 32.64
CA GLU A 165 -2.03 7.29 33.27
C GLU A 165 -2.33 8.35 32.20
N ARG A 166 -1.52 8.44 31.15
CA ARG A 166 -1.70 9.47 30.10
C ARG A 166 -3.01 9.25 29.36
N ILE A 167 -3.52 8.02 29.24
CA ILE A 167 -4.70 7.81 28.35
C ILE A 167 -5.96 7.48 29.17
N LEU A 168 -5.83 7.08 30.43
CA LEU A 168 -7.00 6.75 31.30
C LEU A 168 -7.16 7.85 32.38
N HIS A 169 -7.38 9.10 31.95
CA HIS A 169 -7.67 10.27 32.84
C HIS A 169 -9.05 10.09 33.50
N THR A 170 -9.27 10.70 34.67
CA THR A 170 -10.53 10.58 35.46
C THR A 170 -11.76 10.91 34.62
N GLY A 171 -11.67 11.85 33.70
CA GLY A 171 -12.83 12.22 32.85
C GLY A 171 -13.35 11.10 31.94
N LEU A 172 -12.60 10.00 31.77
CA LEU A 172 -12.85 9.06 30.63
C LEU A 172 -14.07 8.21 30.96
N LYS A 173 -15.06 8.17 30.09
CA LYS A 173 -16.32 7.43 30.36
C LYS A 173 -16.32 6.02 29.71
N TYR A 174 -15.73 5.87 28.51
CA TYR A 174 -15.83 4.65 27.66
C TYR A 174 -14.46 4.29 27.08
N LEU A 175 -14.19 2.99 27.06
CA LEU A 175 -13.10 2.32 26.31
C LEU A 175 -13.79 1.37 25.36
N ILE A 176 -13.38 1.36 24.10
CA ILE A 176 -13.76 0.31 23.11
C ILE A 176 -12.50 -0.40 22.68
N CYS A 177 -12.54 -1.73 22.74
CA CYS A 177 -11.51 -2.62 22.20
C CYS A 177 -12.15 -3.60 21.23
N GLN A 178 -11.32 -4.14 20.35
CA GLN A 178 -11.69 -5.27 19.49
C GLN A 178 -10.66 -6.38 19.72
N ASN A 179 -10.54 -7.30 18.76
CA ASN A 179 -9.59 -8.43 18.83
C ASN A 179 -8.69 -8.38 17.59
N GLU A 180 -8.21 -7.20 17.20
CA GLU A 180 -7.41 -7.00 15.97
C GLU A 180 -6.03 -6.41 16.29
N ILE A 181 -5.63 -6.40 17.56
CA ILE A 181 -4.28 -5.99 18.04
C ILE A 181 -3.83 -7.15 18.95
N PRO A 182 -2.57 -7.20 19.41
CA PRO A 182 -2.14 -8.30 20.30
C PRO A 182 -3.14 -8.44 21.47
N LEU A 183 -3.62 -9.66 21.71
CA LEU A 183 -4.68 -9.91 22.71
C LEU A 183 -4.25 -9.40 24.09
N PRO A 184 -2.99 -9.57 24.56
CA PRO A 184 -2.61 -9.07 25.86
C PRO A 184 -2.82 -7.55 25.96
N THR A 185 -2.62 -6.82 24.87
CA THR A 185 -2.82 -5.35 24.88
C THR A 185 -4.29 -5.06 25.16
N THR A 186 -5.19 -5.72 24.43
CA THR A 186 -6.65 -5.55 24.56
C THR A 186 -7.04 -5.92 26.00
N LEU A 187 -6.59 -7.09 26.48
CA LEU A 187 -7.04 -7.59 27.81
C LEU A 187 -6.50 -6.70 28.93
N ASP A 188 -5.23 -6.26 28.89
CA ASP A 188 -4.63 -5.46 29.98
C ASP A 188 -5.28 -4.08 30.00
N THR A 189 -5.57 -3.52 28.82
CA THR A 189 -6.20 -2.18 28.72
C THR A 189 -7.62 -2.25 29.35
N ILE A 190 -8.39 -3.26 28.99
CA ILE A 190 -9.76 -3.46 29.56
C ILE A 190 -9.63 -3.52 31.09
N LYS A 191 -8.74 -4.35 31.59
CA LYS A 191 -8.61 -4.57 33.07
C LYS A 191 -8.30 -3.22 33.72
N GLU A 192 -7.28 -2.51 33.22
CA GLU A 192 -6.83 -1.22 33.81
C GLU A 192 -7.95 -0.19 33.73
N ALA A 193 -8.65 -0.11 32.58
CA ALA A 193 -9.74 0.88 32.40
C ALA A 193 -10.87 0.56 33.40
N HIS A 194 -11.25 -0.71 33.50
CA HIS A 194 -12.40 -1.12 34.34
C HIS A 194 -12.04 -0.87 35.81
N SER A 195 -10.78 -1.08 36.19
CA SER A 195 -10.31 -0.86 37.58
C SER A 195 -10.37 0.64 37.91
N ARG A 196 -10.44 1.53 36.92
CA ARG A 196 -10.54 2.99 37.16
C ARG A 196 -12.00 3.47 37.05
N GLY A 197 -12.96 2.58 36.84
CA GLY A 197 -14.38 2.95 36.75
C GLY A 197 -14.69 3.41 35.34
N VAL A 198 -13.87 3.07 34.36
CA VAL A 198 -14.26 3.29 32.95
C VAL A 198 -15.23 2.17 32.54
N TYR A 199 -16.25 2.50 31.78
CA TYR A 199 -17.15 1.55 31.12
C TYR A 199 -16.44 0.92 29.91
N THR A 200 -16.15 -0.38 30.01
CA THR A 200 -15.37 -1.13 28.98
C THR A 200 -16.30 -1.88 28.03
N VAL A 201 -16.06 -1.68 26.73
CA VAL A 201 -16.77 -2.27 25.57
C VAL A 201 -15.75 -3.15 24.83
N PHE A 202 -16.06 -4.42 24.67
CA PHE A 202 -15.18 -5.40 24.00
C PHE A 202 -16.01 -6.09 22.92
N ASN A 203 -15.59 -5.85 21.69
CA ASN A 203 -16.14 -6.44 20.47
C ASN A 203 -15.10 -7.46 20.01
N SER A 204 -15.27 -8.73 20.39
CA SER A 204 -14.26 -9.80 20.16
C SER A 204 -14.29 -10.20 18.68
N ALA A 205 -13.90 -9.26 17.79
CA ALA A 205 -13.76 -9.46 16.32
C ALA A 205 -12.35 -9.04 15.88
N PRO A 206 -11.71 -9.76 14.93
CA PRO A 206 -12.23 -11.01 14.41
C PRO A 206 -12.31 -12.12 15.47
N ALA A 207 -13.06 -13.16 15.12
CA ALA A 207 -13.43 -14.32 15.95
C ALA A 207 -12.23 -14.81 16.74
N PRO A 208 -12.33 -14.96 18.06
CA PRO A 208 -11.22 -15.51 18.82
C PRO A 208 -10.98 -17.00 18.53
N LYS A 209 -9.71 -17.40 18.43
CA LYS A 209 -9.28 -18.80 18.25
C LYS A 209 -9.36 -19.50 19.61
N PRO A 210 -9.36 -20.85 19.63
CA PRO A 210 -9.63 -21.59 20.87
C PRO A 210 -8.76 -21.14 22.06
N ALA A 211 -7.48 -20.86 21.83
CA ALA A 211 -6.53 -20.43 22.89
C ALA A 211 -6.77 -18.97 23.28
N GLU A 212 -7.27 -18.13 22.37
CA GLU A 212 -7.71 -16.74 22.68
C GLU A 212 -8.99 -16.79 23.53
N VAL A 213 -9.95 -17.67 23.22
CA VAL A 213 -11.15 -17.86 24.07
C VAL A 213 -10.71 -18.16 25.50
N GLU A 214 -9.78 -19.11 25.69
CA GLU A 214 -9.28 -19.50 27.04
C GLU A 214 -8.72 -18.27 27.77
N GLN A 215 -7.94 -17.41 27.12
CA GLN A 215 -7.35 -16.24 27.82
C GLN A 215 -8.40 -15.17 28.09
N ILE A 216 -9.39 -15.04 27.22
CA ILE A 216 -10.43 -13.98 27.37
C ILE A 216 -11.30 -14.25 28.60
N LYS A 217 -11.74 -15.49 28.77
CA LYS A 217 -12.81 -15.83 29.76
C LYS A 217 -12.50 -15.26 31.14
N PRO A 218 -11.30 -15.41 31.74
CA PRO A 218 -11.03 -14.79 33.04
C PRO A 218 -11.08 -13.26 33.01
N PHE A 219 -11.04 -12.61 31.84
CA PHE A 219 -11.11 -11.12 31.77
C PHE A 219 -12.54 -10.60 31.65
N LEU A 220 -13.53 -11.49 31.48
CA LEU A 220 -14.90 -11.03 31.18
C LEU A 220 -15.48 -10.25 32.35
N PRO A 221 -15.13 -10.55 33.61
CA PRO A 221 -15.58 -9.72 34.73
C PRO A 221 -15.14 -8.25 34.62
N TYR A 222 -14.18 -7.91 33.76
CA TYR A 222 -13.67 -6.52 33.60
C TYR A 222 -14.31 -5.87 32.37
N VAL A 223 -15.18 -6.60 31.66
CA VAL A 223 -15.95 -6.09 30.49
C VAL A 223 -17.34 -5.64 30.93
N SER A 224 -17.59 -4.32 30.86
CA SER A 224 -18.92 -3.74 31.14
C SER A 224 -19.90 -4.21 30.08
N LEU A 225 -19.46 -4.26 28.83
CA LEU A 225 -20.34 -4.48 27.65
C LEU A 225 -19.60 -5.40 26.69
N PHE A 226 -20.06 -6.65 26.58
CA PHE A 226 -19.56 -7.61 25.57
C PHE A 226 -20.48 -7.54 24.35
N CYS A 227 -19.96 -7.24 23.15
CA CYS A 227 -20.83 -7.02 21.95
CA CYS A 227 -20.81 -6.99 21.95
C CYS A 227 -20.40 -7.91 20.79
N PRO A 228 -20.47 -9.25 20.94
CA PRO A 228 -20.13 -10.16 19.86
C PRO A 228 -21.21 -10.26 18.77
N ASN A 229 -20.85 -10.88 17.65
CA ASN A 229 -21.81 -11.38 16.64
C ASN A 229 -22.13 -12.84 17.00
N GLU A 230 -22.87 -13.54 16.16
CA GLU A 230 -23.37 -14.90 16.49
C GLU A 230 -22.20 -15.89 16.65
N VAL A 231 -21.32 -15.90 15.66
CA VAL A 231 -20.10 -16.78 15.65
C VAL A 231 -19.28 -16.51 16.93
N GLU A 232 -19.00 -15.24 17.23
CA GLU A 232 -18.10 -14.90 18.37
C GLU A 232 -18.77 -15.38 19.66
N ALA A 233 -20.08 -15.18 19.78
CA ALA A 233 -20.84 -15.58 20.99
C ALA A 233 -20.79 -17.11 21.11
N THR A 234 -20.86 -17.81 19.99
CA THR A 234 -20.79 -19.30 19.89
C THR A 234 -19.45 -19.76 20.47
N LEU A 235 -18.37 -19.22 19.92
CA LEU A 235 -16.98 -19.62 20.29
C LEU A 235 -16.74 -19.32 21.76
N ILE A 236 -17.23 -18.19 22.29
CA ILE A 236 -16.93 -17.79 23.68
C ILE A 236 -17.73 -18.66 24.66
N THR A 237 -19.01 -18.93 24.36
CA THR A 237 -20.01 -19.48 25.35
C THR A 237 -20.19 -21.00 25.21
N GLY A 238 -19.98 -21.54 24.01
CA GLY A 238 -20.28 -22.96 23.70
C GLY A 238 -21.75 -23.15 23.34
N VAL A 239 -22.59 -22.10 23.45
CA VAL A 239 -23.98 -22.07 22.92
C VAL A 239 -23.94 -21.89 21.40
N LYS A 240 -24.58 -22.73 20.60
CA LYS A 240 -24.58 -22.55 19.12
C LYS A 240 -25.54 -21.42 18.80
N VAL A 241 -25.04 -20.20 18.58
CA VAL A 241 -25.94 -19.03 18.37
C VAL A 241 -26.24 -18.93 16.88
N THR A 242 -27.52 -19.05 16.49
CA THR A 242 -27.98 -19.00 15.07
C THR A 242 -29.21 -18.08 14.93
N ASP A 243 -29.80 -17.64 16.05
CA ASP A 243 -31.12 -16.97 16.04
C ASP A 243 -31.36 -16.34 17.41
N THR A 244 -32.51 -15.69 17.57
CA THR A 244 -32.88 -14.89 18.75
C THR A 244 -32.83 -15.77 20.00
N GLU A 245 -33.42 -16.96 19.93
CA GLU A 245 -33.61 -17.90 21.05
C GLU A 245 -32.22 -18.28 21.60
N SER A 246 -31.34 -18.75 20.72
CA SER A 246 -29.99 -19.22 21.10
C SER A 246 -29.12 -18.02 21.51
N ALA A 247 -29.34 -16.85 20.89
CA ALA A 247 -28.68 -15.57 21.27
C ALA A 247 -29.05 -15.27 22.72
N PHE A 248 -30.34 -15.43 23.10
CA PHE A 248 -30.80 -15.25 24.50
C PHE A 248 -30.04 -16.21 25.42
N SER A 249 -29.80 -17.47 25.02
CA SER A 249 -29.06 -18.46 25.85
C SER A 249 -27.62 -17.97 26.01
N ALA A 250 -27.02 -17.51 24.91
CA ALA A 250 -25.62 -17.04 24.91
C ALA A 250 -25.50 -15.89 25.92
N ILE A 251 -26.48 -14.98 25.95
CA ILE A 251 -26.51 -13.86 26.93
C ILE A 251 -26.41 -14.40 28.36
N LYS A 252 -27.12 -15.46 28.71
CA LYS A 252 -27.11 -15.97 30.11
C LYS A 252 -25.71 -16.47 30.44
N ALA A 253 -25.12 -17.27 29.55
CA ALA A 253 -23.76 -17.84 29.66
C ALA A 253 -22.75 -16.69 29.86
N LEU A 254 -22.93 -15.56 29.15
CA LEU A 254 -22.02 -14.40 29.27
C LEU A 254 -22.20 -13.72 30.62
N GLN A 255 -23.42 -13.61 31.11
CA GLN A 255 -23.70 -13.04 32.47
C GLN A 255 -23.06 -13.96 33.53
N GLN A 256 -23.08 -15.27 33.33
CA GLN A 256 -22.44 -16.25 34.26
C GLN A 256 -20.92 -16.07 34.30
N LEU A 257 -20.30 -15.61 33.20
CA LEU A 257 -18.83 -15.37 33.11
C LEU A 257 -18.46 -13.99 33.65
N GLY A 258 -19.47 -13.19 34.05
CA GLY A 258 -19.31 -11.94 34.81
C GLY A 258 -19.44 -10.68 33.95
N VAL A 259 -19.92 -10.80 32.71
CA VAL A 259 -20.24 -9.61 31.87
C VAL A 259 -21.50 -8.97 32.45
N ARG A 260 -21.46 -7.66 32.70
CA ARG A 260 -22.59 -6.83 33.17
C ARG A 260 -23.64 -6.69 32.06
N ASP A 261 -23.28 -6.06 30.94
CA ASP A 261 -24.18 -5.76 29.82
C ASP A 261 -23.75 -6.62 28.64
N VAL A 262 -24.70 -7.25 27.97
CA VAL A 262 -24.43 -8.03 26.75
C VAL A 262 -25.28 -7.46 25.64
N VAL A 263 -24.66 -7.33 24.48
CA VAL A 263 -25.37 -7.15 23.18
C VAL A 263 -24.81 -8.20 22.22
N ILE A 264 -25.69 -8.96 21.60
CA ILE A 264 -25.31 -9.84 20.47
C ILE A 264 -26.01 -9.33 19.21
N THR A 265 -25.21 -8.91 18.23
CA THR A 265 -25.70 -8.45 16.90
C THR A 265 -26.04 -9.71 16.09
N LEU A 266 -27.08 -9.63 15.26
CA LEU A 266 -27.61 -10.78 14.48
C LEU A 266 -27.72 -10.40 13.01
N GLY A 267 -26.82 -9.58 12.50
CA GLY A 267 -26.94 -9.09 11.10
C GLY A 267 -28.33 -8.56 10.82
N ALA A 268 -28.96 -9.02 9.74
CA ALA A 268 -30.25 -8.50 9.24
C ALA A 268 -31.34 -8.69 10.30
N ALA A 269 -31.18 -9.63 11.24
CA ALA A 269 -32.16 -9.88 12.32
C ALA A 269 -31.94 -8.95 13.51
N GLY A 270 -31.12 -7.89 13.37
CA GLY A 270 -31.00 -6.82 14.39
C GLY A 270 -30.03 -7.20 15.48
N PHE A 271 -30.49 -7.17 16.72
CA PHE A 271 -29.65 -7.48 17.91
C PHE A 271 -30.51 -7.96 19.06
N VAL A 272 -29.90 -8.62 20.04
CA VAL A 272 -30.48 -8.94 21.38
C VAL A 272 -29.60 -8.26 22.43
N LEU A 273 -30.19 -7.81 23.51
CA LEU A 273 -29.40 -7.36 24.68
C LEU A 273 -30.07 -7.69 26.01
N SER A 274 -29.27 -7.69 27.07
CA SER A 274 -29.72 -7.55 28.46
C SER A 274 -28.90 -6.45 29.10
N GLU A 275 -29.57 -5.46 29.70
CA GLU A 275 -28.97 -4.45 30.59
C GLU A 275 -28.93 -5.04 32.01
N ASN A 276 -27.72 -5.36 32.46
CA ASN A 276 -27.37 -5.73 33.85
C ASN A 276 -28.38 -6.76 34.41
N GLY A 277 -28.50 -7.92 33.76
CA GLY A 277 -29.28 -9.07 34.23
C GLY A 277 -30.79 -8.99 33.94
N ALA A 278 -31.32 -7.81 33.56
CA ALA A 278 -32.73 -7.59 33.22
C ALA A 278 -33.15 -8.55 32.11
N GLU A 279 -34.47 -8.65 31.86
CA GLU A 279 -35.03 -9.61 30.88
C GLU A 279 -34.45 -9.20 29.53
N PRO A 280 -33.90 -10.15 28.75
CA PRO A 280 -33.32 -9.85 27.44
C PRO A 280 -34.38 -9.36 26.44
N VAL A 281 -33.94 -8.54 25.48
CA VAL A 281 -34.80 -7.84 24.46
C VAL A 281 -34.26 -8.15 23.06
N HIS A 282 -35.15 -8.44 22.12
CA HIS A 282 -34.83 -8.61 20.69
C HIS A 282 -35.33 -7.38 19.94
N VAL A 283 -34.50 -6.77 19.09
CA VAL A 283 -34.97 -5.69 18.16
C VAL A 283 -34.53 -6.14 16.78
N THR A 284 -35.47 -6.22 15.83
CA THR A 284 -35.18 -6.76 14.49
C THR A 284 -34.40 -5.71 13.66
N GLY A 285 -33.78 -6.19 12.58
CA GLY A 285 -33.14 -5.38 11.54
C GLY A 285 -34.11 -4.41 10.90
N LYS A 286 -33.62 -3.22 10.56
CA LYS A 286 -34.33 -2.27 9.67
C LYS A 286 -34.49 -2.95 8.32
N HIS A 287 -35.57 -2.65 7.60
CA HIS A 287 -35.90 -3.27 6.30
C HIS A 287 -35.33 -2.34 5.23
N VAL A 288 -34.15 -2.66 4.69
CA VAL A 288 -33.37 -1.75 3.80
C VAL A 288 -32.81 -2.60 2.66
N LYS A 289 -32.46 -1.95 1.54
CA LYS A 289 -31.79 -2.58 0.37
C LYS A 289 -30.30 -2.72 0.69
N ALA A 290 -29.86 -3.89 1.16
CA ALA A 290 -28.45 -4.15 1.50
C ALA A 290 -27.64 -4.14 0.20
N VAL A 291 -26.81 -3.11 0.00
CA VAL A 291 -25.85 -3.02 -1.15
C VAL A 291 -24.52 -3.64 -0.70
N ASP A 292 -24.00 -3.23 0.45
CA ASP A 292 -22.65 -3.65 0.92
C ASP A 292 -22.62 -3.53 2.43
N THR A 293 -22.54 -4.67 3.12
CA THR A 293 -22.65 -4.75 4.59
C THR A 293 -21.28 -4.53 5.22
N THR A 294 -20.21 -4.42 4.42
CA THR A 294 -18.83 -4.31 4.96
C THR A 294 -18.74 -3.17 6.00
N GLY A 295 -18.26 -3.52 7.19
CA GLY A 295 -18.02 -2.62 8.33
C GLY A 295 -19.32 -2.21 9.05
N ALA A 296 -20.47 -2.83 8.76
CA ALA A 296 -21.74 -2.49 9.43
C ALA A 296 -21.60 -2.72 10.93
N GLY A 297 -20.98 -3.81 11.33
CA GLY A 297 -20.76 -4.17 12.76
C GLY A 297 -19.98 -3.09 13.47
N ASP A 298 -18.91 -2.60 12.85
CA ASP A 298 -18.06 -1.52 13.41
C ASP A 298 -18.92 -0.27 13.55
N CYS A 299 -19.71 0.04 12.55
CA CYS A 299 -20.65 1.19 12.60
C CYS A 299 -21.60 1.03 13.78
N PHE A 300 -22.21 -0.14 13.93
CA PHE A 300 -23.11 -0.42 15.07
C PHE A 300 -22.37 -0.16 16.38
N VAL A 301 -21.17 -0.72 16.56
CA VAL A 301 -20.45 -0.63 17.86
C VAL A 301 -20.05 0.82 18.16
N GLY A 302 -19.46 1.51 17.20
CA GLY A 302 -19.03 2.90 17.42
C GLY A 302 -20.22 3.81 17.73
N SER A 303 -21.30 3.72 16.94
CA SER A 303 -22.57 4.48 17.10
C SER A 303 -23.13 4.21 18.48
N MET A 304 -23.25 2.93 18.85
CA MET A 304 -23.80 2.50 20.14
C MET A 304 -23.12 3.28 21.25
N VAL A 305 -21.79 3.32 21.27
CA VAL A 305 -21.04 3.95 22.37
C VAL A 305 -21.21 5.46 22.31
N TYR A 306 -21.27 6.07 21.12
CA TYR A 306 -21.53 7.53 21.03
C TYR A 306 -22.85 7.83 21.75
N PHE A 307 -23.91 7.09 21.43
CA PHE A 307 -25.27 7.35 21.97
C PHE A 307 -25.24 7.15 23.50
N MET A 308 -24.50 6.18 24.02
CA MET A 308 -24.35 6.04 25.51
C MET A 308 -23.60 7.24 26.09
N SER A 309 -22.53 7.76 25.43
CA SER A 309 -21.84 8.99 25.88
C SER A 309 -22.82 10.17 25.87
N ARG A 310 -23.87 10.16 25.04
CA ARG A 310 -24.87 11.27 25.00
C ARG A 310 -25.91 11.05 26.11
N GLY A 311 -25.83 9.94 26.86
CA GLY A 311 -26.69 9.60 28.00
C GLY A 311 -27.88 8.75 27.62
N ARG A 312 -27.88 8.05 26.48
CA ARG A 312 -28.88 7.03 26.19
C ARG A 312 -28.51 5.80 27.00
N ASN A 313 -29.51 5.08 27.48
CA ASN A 313 -29.30 3.78 28.15
C ASN A 313 -28.96 2.78 27.04
N LEU A 314 -28.63 1.55 27.41
CA LEU A 314 -28.11 0.54 26.47
C LEU A 314 -29.12 0.29 25.34
N LEU A 315 -30.38 0.06 25.71
CA LEU A 315 -31.43 -0.28 24.71
C LEU A 315 -31.60 0.88 23.72
N GLU A 316 -31.76 2.10 24.23
CA GLU A 316 -31.95 3.35 23.43
C GLU A 316 -30.71 3.54 22.52
N ALA A 317 -29.52 3.31 23.05
CA ALA A 317 -28.25 3.42 22.29
C ALA A 317 -28.24 2.34 21.19
N CYS A 318 -28.65 1.11 21.51
CA CYS A 318 -28.57 0.02 20.50
C CYS A 318 -29.65 0.21 19.44
N LYS A 319 -30.86 0.68 19.79
CA LYS A 319 -31.89 0.96 18.74
C LYS A 319 -31.32 1.95 17.72
N ARG A 320 -30.60 2.97 18.19
CA ARG A 320 -30.10 4.08 17.31
C ARG A 320 -28.92 3.53 16.50
N ALA A 321 -28.09 2.71 17.12
CA ALA A 321 -26.92 2.05 16.46
C ALA A 321 -27.41 1.13 15.33
N ASN A 322 -28.48 0.40 15.59
CA ASN A 322 -29.15 -0.52 14.62
C ASN A 322 -29.58 0.31 13.41
N GLU A 323 -30.11 1.51 13.66
CA GLU A 323 -30.57 2.42 12.56
C GLU A 323 -29.33 2.91 11.79
N CYS A 324 -28.28 3.32 12.50
CA CYS A 324 -27.01 3.79 11.87
C CYS A 324 -26.42 2.66 10.99
N ALA A 325 -26.31 1.43 11.51
CA ALA A 325 -25.73 0.29 10.79
C ALA A 325 -26.59 -0.07 9.55
N ALA A 326 -27.93 -0.10 9.70
CA ALA A 326 -28.88 -0.18 8.57
C ALA A 326 -28.60 0.89 7.50
N ILE A 327 -28.42 2.17 7.85
CA ILE A 327 -28.09 3.18 6.79
C ILE A 327 -26.78 2.74 6.12
N SER A 328 -25.80 2.27 6.90
CA SER A 328 -24.47 1.98 6.34
C SER A 328 -24.57 0.85 5.30
N VAL A 329 -25.45 -0.15 5.49
CA VAL A 329 -25.51 -1.33 4.57
C VAL A 329 -26.07 -0.90 3.20
N THR A 330 -26.65 0.29 3.11
CA THR A 330 -27.28 0.77 1.84
C THR A 330 -26.27 1.43 0.90
N ARG A 331 -25.01 1.60 1.30
CA ARG A 331 -23.97 2.25 0.46
C ARG A 331 -22.68 1.40 0.58
N LYS A 332 -21.80 1.45 -0.44
CA LYS A 332 -20.47 0.77 -0.46
C LYS A 332 -19.46 1.65 0.30
N GLY A 333 -18.26 1.16 0.57
CA GLY A 333 -17.10 2.00 0.98
C GLY A 333 -16.76 1.92 2.46
N THR A 334 -17.42 1.07 3.23
CA THR A 334 -17.05 0.85 4.67
C THR A 334 -17.19 2.19 5.39
N GLN A 335 -16.09 2.86 5.78
CA GLN A 335 -16.21 4.16 6.52
C GLN A 335 -16.97 5.19 5.67
N LEU A 336 -16.84 5.18 4.34
CA LEU A 336 -17.58 6.12 3.45
C LEU A 336 -19.10 5.92 3.58
N SER A 337 -19.59 4.76 4.00
CA SER A 337 -21.04 4.51 4.19
C SER A 337 -21.56 4.85 5.59
N TYR A 338 -20.70 5.23 6.54
CA TYR A 338 -21.14 5.54 7.92
C TYR A 338 -21.89 6.87 7.89
N PRO A 339 -23.08 6.95 8.53
CA PRO A 339 -23.88 8.17 8.47
C PRO A 339 -23.32 9.39 9.24
N HIS A 340 -23.61 10.59 8.71
CA HIS A 340 -23.52 11.90 9.42
C HIS A 340 -24.88 12.12 10.10
N PRO A 341 -24.93 12.94 11.18
CA PRO A 341 -26.20 13.26 11.85
C PRO A 341 -27.37 13.76 10.99
N SER A 342 -27.13 14.48 9.87
CA SER A 342 -28.22 14.98 8.98
C SER A 342 -29.01 13.83 8.37
N GLU A 343 -28.42 12.65 8.20
CA GLU A 343 -29.07 11.51 7.53
C GLU A 343 -30.01 10.78 8.50
N LEU A 344 -29.94 11.04 9.81
CA LEU A 344 -30.65 10.19 10.80
C LEU A 344 -32.09 10.66 10.93
N PRO A 345 -33.06 9.75 11.03
CA PRO A 345 -34.43 10.17 11.38
C PRO A 345 -34.49 10.96 12.70
N ALA A 346 -35.52 11.79 12.79
CA ALA A 346 -35.84 12.61 13.98
C ALA A 346 -35.84 11.69 15.21
N GLY A 347 -35.29 12.14 16.34
CA GLY A 347 -35.30 11.41 17.62
C GLY A 347 -34.10 10.48 17.82
N VAL A 348 -33.35 10.16 16.75
CA VAL A 348 -32.16 9.24 16.85
C VAL A 348 -31.00 9.98 17.54
N MET A 349 -30.54 11.12 17.01
CA MET A 349 -29.45 11.96 17.60
C MET A 349 -29.78 12.33 19.06
N ARG B 23 6.93 21.48 0.65
CA ARG B 23 7.46 20.87 -0.63
C ARG B 23 8.53 19.82 -0.30
N ALA B 24 8.23 18.55 -0.54
CA ALA B 24 9.21 17.44 -0.59
C ALA B 24 10.15 17.64 -1.80
N ARG B 25 9.63 18.09 -2.95
CA ARG B 25 10.37 18.07 -4.24
C ARG B 25 11.49 19.09 -4.26
N ASN B 26 12.53 18.80 -5.07
CA ASN B 26 13.58 19.78 -5.48
C ASN B 26 12.93 20.96 -6.21
N VAL B 27 13.64 22.11 -6.25
CA VAL B 27 13.31 23.34 -7.04
C VAL B 27 14.47 23.64 -8.00
N ARG B 28 14.17 23.91 -9.28
CA ARG B 28 15.12 24.44 -10.30
C ARG B 28 15.72 25.78 -9.83
N SER B 29 16.91 26.15 -10.32
CA SER B 29 17.44 27.54 -10.30
C SER B 29 16.85 28.33 -11.48
N HIS B 30 16.88 29.67 -11.44
CA HIS B 30 16.54 30.55 -12.59
C HIS B 30 17.64 30.44 -13.67
N THR B 31 18.86 30.01 -13.29
CA THR B 31 20.09 30.01 -14.12
C THR B 31 20.45 28.62 -14.66
N GLY B 32 19.53 27.64 -14.53
CA GLY B 32 19.71 26.23 -14.98
C GLY B 32 20.90 25.52 -14.33
N GLU B 33 21.33 25.93 -13.13
CA GLU B 33 22.63 25.50 -12.55
C GLU B 33 22.58 24.08 -11.96
N TYR B 34 21.41 23.45 -11.78
CA TYR B 34 21.29 22.03 -11.31
C TYR B 34 20.64 21.14 -12.37
N ALA B 35 20.53 21.62 -13.61
CA ALA B 35 19.97 20.87 -14.76
C ALA B 35 20.74 19.57 -14.93
N PRO B 36 20.02 18.45 -15.12
CA PRO B 36 20.63 17.13 -15.11
C PRO B 36 21.37 16.76 -16.41
N ASP B 37 22.22 15.74 -16.36
CA ASP B 37 22.90 15.12 -17.54
C ASP B 37 21.96 14.05 -18.13
N ILE B 38 21.19 13.42 -17.25
CA ILE B 38 20.32 12.27 -17.57
C ILE B 38 18.90 12.59 -17.09
N LEU B 39 17.93 12.44 -17.98
CA LEU B 39 16.50 12.57 -17.68
C LEU B 39 15.87 11.19 -17.83
N VAL B 40 15.13 10.74 -16.81
CA VAL B 40 14.34 9.47 -16.86
C VAL B 40 12.86 9.87 -16.87
N VAL B 41 12.14 9.48 -17.92
CA VAL B 41 10.68 9.74 -18.05
C VAL B 41 10.01 8.38 -17.98
N GLY B 42 9.41 8.07 -16.83
CA GLY B 42 8.91 6.71 -16.59
C GLY B 42 8.21 6.59 -15.27
N SER B 43 8.12 5.36 -14.82
CA SER B 43 7.16 4.88 -13.80
C SER B 43 7.81 4.92 -12.42
N CYS B 44 7.03 5.33 -11.42
CA CYS B 44 7.33 5.10 -9.97
C CYS B 44 6.16 4.33 -9.37
N PHE B 45 6.42 3.11 -8.88
CA PHE B 45 5.44 2.22 -8.22
C PHE B 45 5.97 1.86 -6.82
N LEU B 46 5.13 1.96 -5.80
CA LEU B 46 5.46 1.34 -4.49
C LEU B 46 5.23 -0.16 -4.61
N ASP B 47 6.11 -0.96 -4.02
CA ASP B 47 5.97 -2.43 -4.01
C ASP B 47 5.46 -2.83 -2.63
N TYR B 48 4.24 -3.35 -2.57
CA TYR B 48 3.58 -3.85 -1.34
C TYR B 48 3.81 -5.35 -1.34
N VAL B 49 4.79 -5.82 -0.57
CA VAL B 49 5.22 -7.26 -0.69
C VAL B 49 4.75 -8.02 0.56
N GLY B 50 3.75 -8.86 0.39
CA GLY B 50 3.24 -9.74 1.46
C GLY B 50 3.78 -11.14 1.26
N TYR B 51 4.50 -11.65 2.25
CA TYR B 51 5.02 -13.04 2.29
C TYR B 51 3.94 -13.92 2.92
N VAL B 52 3.55 -14.95 2.19
CA VAL B 52 2.39 -15.83 2.52
C VAL B 52 2.94 -17.25 2.64
N ASP B 53 2.34 -18.05 3.51
CA ASP B 53 2.54 -19.51 3.67
C ASP B 53 2.04 -20.24 2.42
N HIS B 54 1.00 -19.73 1.78
CA HIS B 54 0.44 -20.29 0.53
C HIS B 54 -0.20 -19.13 -0.24
N MET B 55 -0.32 -19.22 -1.55
CA MET B 55 -1.12 -18.24 -2.32
C MET B 55 -2.57 -18.41 -1.90
N PRO B 56 -3.34 -17.32 -1.71
CA PRO B 56 -4.73 -17.44 -1.29
C PRO B 56 -5.55 -18.10 -2.41
N GLN B 57 -6.51 -18.94 -2.02
CA GLN B 57 -7.45 -19.54 -3.00
C GLN B 57 -8.65 -18.58 -3.08
N VAL B 58 -9.52 -18.77 -4.07
CA VAL B 58 -10.66 -17.84 -4.30
C VAL B 58 -11.45 -17.81 -2.99
N GLY B 59 -11.82 -16.64 -2.49
CA GLY B 59 -12.66 -16.51 -1.28
C GLY B 59 -11.87 -16.53 0.02
N GLU B 60 -10.54 -16.71 -0.03
CA GLU B 60 -9.75 -16.86 1.22
C GLU B 60 -9.35 -15.49 1.80
N THR B 61 -9.53 -15.32 3.11
CA THR B 61 -8.89 -14.28 3.97
C THR B 61 -7.76 -14.96 4.72
N MET B 62 -6.55 -14.41 4.65
CA MET B 62 -5.40 -14.98 5.38
C MET B 62 -4.49 -13.86 5.90
N HIS B 63 -3.61 -14.17 6.83
CA HIS B 63 -2.53 -13.28 7.31
C HIS B 63 -1.27 -13.57 6.50
N SER B 64 -0.50 -12.53 6.20
CA SER B 64 0.89 -12.66 5.74
C SER B 64 1.73 -13.18 6.91
N VAL B 65 2.90 -13.73 6.63
CA VAL B 65 3.88 -14.09 7.68
C VAL B 65 4.75 -12.87 7.92
N SER B 66 4.93 -12.08 6.87
CA SER B 66 5.77 -10.88 6.89
C SER B 66 5.32 -9.91 5.79
N PHE B 67 5.77 -8.69 5.88
CA PHE B 67 5.48 -7.67 4.88
C PHE B 67 6.72 -6.81 4.68
N HIS B 68 6.96 -6.39 3.45
CA HIS B 68 8.06 -5.48 3.07
C HIS B 68 7.51 -4.41 2.12
N LYS B 69 7.77 -3.16 2.42
CA LYS B 69 7.46 -1.98 1.56
C LYS B 69 8.70 -1.62 0.73
N GLY B 70 8.62 -1.66 -0.60
CA GLY B 70 9.74 -1.33 -1.48
C GLY B 70 9.42 -0.21 -2.46
N PHE B 71 10.45 0.34 -3.09
CA PHE B 71 10.37 1.43 -4.10
C PHE B 71 10.75 0.81 -5.46
N GLY B 72 9.77 0.72 -6.35
CA GLY B 72 9.85 0.11 -7.68
C GLY B 72 9.31 1.00 -8.77
N GLY B 73 8.85 0.41 -9.85
CA GLY B 73 8.71 1.07 -11.15
C GLY B 73 10.05 0.99 -11.88
N LYS B 74 10.06 0.53 -13.12
CA LYS B 74 11.30 0.44 -13.93
C LYS B 74 11.93 1.82 -14.11
N GLY B 75 11.14 2.87 -14.26
CA GLY B 75 11.68 4.22 -14.44
C GLY B 75 12.50 4.62 -13.22
N ALA B 76 11.89 4.60 -12.06
CA ALA B 76 12.57 4.97 -10.80
C ALA B 76 13.74 4.02 -10.54
N ASN B 77 13.58 2.73 -10.82
CA ASN B 77 14.67 1.74 -10.61
C ASN B 77 15.90 2.21 -11.42
N GLN B 78 15.71 2.62 -12.66
CA GLN B 78 16.83 3.01 -13.57
C GLN B 78 17.46 4.31 -13.08
N ALA B 79 16.64 5.28 -12.69
CA ALA B 79 17.09 6.58 -12.15
C ALA B 79 17.89 6.34 -10.87
N VAL B 80 17.43 5.45 -10.01
CA VAL B 80 18.11 5.13 -8.71
C VAL B 80 19.43 4.37 -8.96
N ALA B 81 19.45 3.41 -9.88
CA ALA B 81 20.72 2.75 -10.27
C ALA B 81 21.77 3.83 -10.64
N ALA B 82 21.41 4.78 -11.50
CA ALA B 82 22.32 5.84 -11.95
C ALA B 82 22.66 6.77 -10.78
N GLY B 83 21.62 7.25 -10.09
CA GLY B 83 21.75 8.16 -8.93
C GLY B 83 22.69 7.60 -7.87
N ARG B 84 22.62 6.31 -7.60
CA ARG B 84 23.44 5.66 -6.54
C ARG B 84 24.92 5.72 -6.93
N LEU B 85 25.27 5.79 -8.23
CA LEU B 85 26.70 5.81 -8.70
C LEU B 85 27.17 7.24 -8.84
N GLY B 86 26.28 8.19 -8.55
CA GLY B 86 26.59 9.62 -8.57
C GLY B 86 26.04 10.35 -9.78
N ALA B 87 25.12 9.77 -10.56
CA ALA B 87 24.61 10.43 -11.80
C ALA B 87 23.91 11.76 -11.47
N LYS B 88 24.08 12.74 -12.36
CA LYS B 88 23.29 13.98 -12.33
C LYS B 88 21.99 13.65 -13.09
N VAL B 89 21.10 12.93 -12.42
CA VAL B 89 19.89 12.32 -13.02
C VAL B 89 18.65 12.97 -12.38
N ALA B 90 17.62 13.20 -13.19
CA ALA B 90 16.33 13.76 -12.74
C ALA B 90 15.23 12.80 -13.16
N MET B 91 14.21 12.61 -12.32
CA MET B 91 13.08 11.71 -12.57
C MET B 91 11.88 12.52 -13.00
N VAL B 92 11.28 12.17 -14.13
CA VAL B 92 10.02 12.81 -14.57
C VAL B 92 8.96 11.73 -14.54
N SER B 93 7.90 11.95 -13.78
CA SER B 93 6.88 10.90 -13.52
C SER B 93 5.64 11.55 -12.91
N MET B 94 4.66 10.71 -12.60
CA MET B 94 3.44 11.19 -11.92
C MET B 94 3.22 10.32 -10.68
N VAL B 95 3.04 10.97 -9.53
CA VAL B 95 2.64 10.28 -8.27
C VAL B 95 1.42 10.98 -7.67
N GLY B 96 0.97 10.48 -6.53
CA GLY B 96 -0.19 11.07 -5.82
C GLY B 96 0.22 12.24 -4.97
N THR B 97 -0.75 12.98 -4.44
CA THR B 97 -0.45 13.91 -3.32
C THR B 97 -0.47 13.10 -2.02
N ASP B 98 -0.71 11.80 -2.09
CA ASP B 98 -0.75 10.91 -0.89
C ASP B 98 0.64 10.76 -0.26
N GLY B 99 0.68 10.19 0.94
CA GLY B 99 1.91 9.82 1.67
C GLY B 99 2.86 8.94 0.86
N ASP B 100 2.38 7.98 0.07
CA ASP B 100 3.24 7.14 -0.83
C ASP B 100 4.03 8.04 -1.80
N GLY B 101 3.37 9.02 -2.39
CA GLY B 101 4.04 9.97 -3.31
C GLY B 101 5.12 10.75 -2.57
N SER B 102 4.83 11.20 -1.35
CA SER B 102 5.79 12.01 -0.56
C SER B 102 6.97 11.14 -0.19
N ASP B 103 6.71 9.89 0.21
CA ASP B 103 7.77 8.91 0.54
C ASP B 103 8.67 8.69 -0.69
N TYR B 104 8.09 8.54 -1.89
CA TYR B 104 8.85 8.31 -3.13
C TYR B 104 9.72 9.54 -3.43
N ILE B 105 9.16 10.74 -3.29
CA ILE B 105 9.93 11.97 -3.64
C ILE B 105 11.16 12.05 -2.73
N LYS B 106 11.01 11.85 -1.42
CA LYS B 106 12.17 11.85 -0.49
C LYS B 106 13.15 10.70 -0.81
N GLU B 107 12.67 9.52 -1.17
CA GLU B 107 13.53 8.32 -1.37
C GLU B 107 14.37 8.59 -2.62
N LEU B 108 13.78 9.21 -3.63
CA LEU B 108 14.54 9.55 -4.86
C LEU B 108 15.68 10.49 -4.51
N GLU B 109 15.42 11.52 -3.74
CA GLU B 109 16.44 12.49 -3.29
C GLU B 109 17.55 11.77 -2.51
N ARG B 110 17.22 10.80 -1.66
CA ARG B 110 18.22 10.05 -0.80
C ARG B 110 19.05 9.11 -1.68
N ASN B 111 18.63 8.91 -2.94
CA ASN B 111 19.28 8.01 -3.92
C ASN B 111 19.91 8.85 -5.04
N GLY B 112 20.03 10.17 -4.85
CA GLY B 112 20.75 11.09 -5.74
C GLY B 112 19.98 11.45 -7.01
N VAL B 113 18.63 11.41 -6.96
CA VAL B 113 17.77 11.73 -8.12
C VAL B 113 17.02 13.02 -7.85
N ASP B 114 17.09 13.96 -8.78
CA ASP B 114 16.41 15.29 -8.71
C ASP B 114 14.91 15.05 -8.92
N THR B 115 14.04 15.66 -8.10
CA THR B 115 12.59 15.44 -8.15
C THR B 115 11.82 16.69 -8.60
N ALA B 116 12.49 17.73 -9.10
CA ALA B 116 11.80 18.97 -9.54
C ALA B 116 10.66 18.62 -10.50
N TYR B 117 10.77 17.60 -11.35
CA TYR B 117 9.77 17.32 -12.42
C TYR B 117 8.96 16.07 -12.10
N MET B 118 8.85 15.72 -10.82
CA MET B 118 7.86 14.74 -10.36
C MET B 118 6.53 15.49 -10.27
N PHE B 119 5.53 15.09 -11.05
CA PHE B 119 4.18 15.70 -10.99
C PHE B 119 3.36 14.95 -9.94
N ARG B 120 2.42 15.66 -9.33
CA ARG B 120 1.56 15.09 -8.25
C ARG B 120 0.11 15.38 -8.62
N THR B 121 -0.77 14.40 -8.52
CA THR B 121 -2.22 14.58 -8.70
C THR B 121 -2.94 14.21 -7.40
N GLY B 122 -3.91 15.02 -7.00
CA GLY B 122 -4.78 14.75 -5.84
C GLY B 122 -5.92 13.80 -6.21
N LYS B 123 -6.04 13.44 -7.49
CA LYS B 123 -7.21 12.66 -7.98
C LYS B 123 -6.90 11.16 -8.02
N SER B 124 -5.64 10.76 -7.82
CA SER B 124 -5.19 9.37 -8.00
C SER B 124 -4.21 9.05 -6.89
N SER B 125 -4.19 7.80 -6.45
CA SER B 125 -3.12 7.28 -5.57
C SER B 125 -1.83 7.15 -6.38
N THR B 126 -0.70 7.07 -5.71
CA THR B 126 0.60 6.68 -6.30
C THR B 126 0.44 5.25 -6.86
N GLY B 127 1.03 4.99 -8.01
CA GLY B 127 1.08 3.66 -8.61
C GLY B 127 1.71 2.68 -7.65
N LEU B 128 1.25 1.43 -7.65
CA LEU B 128 1.81 0.41 -6.74
C LEU B 128 1.65 -0.95 -7.38
N ALA B 129 2.44 -1.90 -6.92
CA ALA B 129 2.28 -3.33 -7.24
C ALA B 129 1.95 -4.06 -5.94
N MET B 130 0.90 -4.87 -5.97
CA MET B 130 0.51 -5.75 -4.86
C MET B 130 1.13 -7.12 -5.16
N ILE B 131 2.16 -7.47 -4.41
CA ILE B 131 3.04 -8.64 -4.72
C ILE B 131 2.87 -9.64 -3.58
N LEU B 132 2.48 -10.86 -3.89
CA LEU B 132 2.47 -11.95 -2.88
C LEU B 132 3.63 -12.87 -3.22
N VAL B 133 4.41 -13.24 -2.21
CA VAL B 133 5.58 -14.15 -2.34
C VAL B 133 5.36 -15.35 -1.42
N ASP B 134 5.34 -16.56 -2.00
CA ASP B 134 5.46 -17.83 -1.26
C ASP B 134 6.97 -18.19 -1.14
N THR B 135 7.60 -18.00 0.03
CA THR B 135 9.05 -18.32 0.29
C THR B 135 9.31 -19.80 -0.02
N LYS B 136 8.58 -20.69 0.65
CA LYS B 136 8.67 -22.16 0.45
C LYS B 136 8.72 -22.48 -1.05
N SER B 137 7.69 -22.08 -1.83
CA SER B 137 7.53 -22.38 -3.27
C SER B 137 8.35 -21.41 -4.15
N SER B 138 8.83 -20.28 -3.58
CA SER B 138 9.54 -19.15 -4.25
C SER B 138 8.65 -18.41 -5.26
N ASN B 139 7.46 -18.93 -5.58
CA ASN B 139 6.48 -18.35 -6.54
C ASN B 139 5.97 -16.96 -6.08
N ASN B 140 5.41 -16.22 -7.04
CA ASN B 140 4.93 -14.82 -6.89
C ASN B 140 3.59 -14.67 -7.57
N GLU B 141 2.71 -13.84 -7.00
CA GLU B 141 1.53 -13.29 -7.69
C GLU B 141 1.60 -11.77 -7.59
N ILE B 142 1.38 -11.07 -8.71
CA ILE B 142 1.56 -9.60 -8.80
C ILE B 142 0.35 -9.00 -9.52
N VAL B 143 -0.28 -8.01 -8.89
CA VAL B 143 -1.33 -7.16 -9.50
C VAL B 143 -0.78 -5.73 -9.53
N ILE B 144 -0.59 -5.20 -10.73
CA ILE B 144 -0.04 -3.84 -10.96
C ILE B 144 -1.23 -2.88 -10.97
N CYS B 145 -1.10 -1.80 -10.20
CA CYS B 145 -2.11 -0.74 -10.08
C CYS B 145 -1.43 0.58 -10.43
N PRO B 146 -1.31 0.91 -11.73
CA PRO B 146 -0.55 2.08 -12.15
C PRO B 146 -1.05 3.40 -11.54
N ASN B 147 -2.37 3.48 -11.32
CA ASN B 147 -3.03 4.58 -10.56
C ASN B 147 -2.66 5.90 -11.22
N ALA B 148 -1.97 6.81 -10.52
CA ALA B 148 -1.62 8.14 -11.04
C ALA B 148 -0.92 8.01 -12.40
N THR B 149 -0.15 6.93 -12.61
CA THR B 149 0.69 6.73 -13.81
C THR B 149 -0.19 6.85 -15.05
N ASN B 150 -1.43 6.38 -14.98
CA ASN B 150 -2.36 6.35 -16.13
C ASN B 150 -2.61 7.77 -16.63
N HIS B 151 -2.36 8.81 -15.81
CA HIS B 151 -2.66 10.22 -16.14
C HIS B 151 -1.39 10.93 -16.62
N PHE B 152 -0.29 10.23 -16.81
CA PHE B 152 1.03 10.81 -17.21
C PHE B 152 1.07 10.83 -18.75
N THR B 153 0.28 11.72 -19.35
CA THR B 153 0.00 11.76 -20.81
C THR B 153 0.94 12.75 -21.48
N PRO B 154 1.12 12.72 -22.83
CA PRO B 154 1.91 13.75 -23.47
C PRO B 154 1.34 15.16 -23.26
N GLU B 155 0.01 15.27 -23.17
CA GLU B 155 -0.68 16.58 -23.08
C GLU B 155 -0.42 17.19 -21.70
N LEU B 156 -0.43 16.37 -20.65
CA LEU B 156 -0.09 16.85 -19.28
C LEU B 156 1.40 17.22 -19.23
N LEU B 157 2.26 16.34 -19.74
CA LEU B 157 3.73 16.58 -19.76
C LEU B 157 3.99 17.93 -20.44
N ARG B 158 3.39 18.17 -21.61
CA ARG B 158 3.58 19.42 -22.40
C ARG B 158 3.09 20.60 -21.56
N ALA B 159 1.87 20.50 -21.02
CA ALA B 159 1.22 21.60 -20.26
C ALA B 159 2.10 22.00 -19.07
N GLN B 160 2.84 21.06 -18.47
CA GLN B 160 3.60 21.32 -17.24
C GLN B 160 5.04 21.74 -17.56
N THR B 161 5.54 21.50 -18.78
CA THR B 161 6.97 21.71 -19.16
C THR B 161 7.13 22.71 -20.33
N ASN B 162 6.13 23.51 -20.67
CA ASN B 162 6.15 24.43 -21.85
C ASN B 162 6.57 23.64 -23.09
N ASN B 163 5.81 22.63 -23.47
CA ASN B 163 6.07 21.75 -24.61
C ASN B 163 7.52 21.26 -24.54
N TYR B 164 7.94 20.72 -23.39
CA TYR B 164 9.19 19.94 -23.17
C TYR B 164 10.39 20.86 -22.93
N GLU B 165 10.23 22.18 -23.05
CA GLU B 165 11.36 23.15 -22.96
C GLU B 165 11.93 23.17 -21.54
N ARG B 166 11.12 22.97 -20.52
CA ARG B 166 11.62 23.05 -19.12
C ARG B 166 12.47 21.81 -18.81
N ILE B 167 12.32 20.71 -19.52
CA ILE B 167 13.00 19.44 -19.16
C ILE B 167 14.02 19.02 -20.21
N LEU B 168 13.96 19.57 -21.43
CA LEU B 168 14.94 19.25 -22.48
C LEU B 168 15.83 20.48 -22.76
N HIS B 169 16.57 20.98 -21.76
CA HIS B 169 17.61 22.05 -21.93
C HIS B 169 18.71 21.55 -22.87
N THR B 170 19.43 22.48 -23.52
CA THR B 170 20.60 22.22 -24.40
C THR B 170 21.61 21.27 -23.74
N GLY B 171 21.92 21.50 -22.45
CA GLY B 171 22.93 20.71 -21.73
C GLY B 171 22.53 19.27 -21.44
N LEU B 172 21.29 18.85 -21.76
CA LEU B 172 20.81 17.48 -21.43
C LEU B 172 21.44 16.46 -22.38
N LYS B 173 22.08 15.42 -21.82
CA LYS B 173 22.92 14.48 -22.60
C LYS B 173 22.15 13.20 -22.93
N TYR B 174 21.36 12.67 -22.00
CA TYR B 174 20.71 11.34 -22.11
C TYR B 174 19.25 11.42 -21.67
N LEU B 175 18.40 10.65 -22.34
CA LEU B 175 16.98 10.41 -21.95
C LEU B 175 16.88 8.91 -21.77
N ILE B 176 16.26 8.48 -20.68
CA ILE B 176 15.92 7.05 -20.53
C ILE B 176 14.41 6.92 -20.44
N CYS B 177 13.86 6.03 -21.26
CA CYS B 177 12.42 5.68 -21.21
C CYS B 177 12.28 4.18 -21.10
N GLN B 178 11.14 3.76 -20.57
CA GLN B 178 10.77 2.33 -20.56
C GLN B 178 9.37 2.24 -21.16
N ASN B 179 8.66 1.17 -20.84
CA ASN B 179 7.32 0.98 -21.42
C ASN B 179 6.34 0.73 -20.29
N GLU B 180 6.49 1.48 -19.18
CA GLU B 180 5.64 1.31 -17.99
C GLU B 180 4.80 2.57 -17.71
N ILE B 181 4.74 3.52 -18.66
CA ILE B 181 3.81 4.70 -18.64
C ILE B 181 3.03 4.69 -19.95
N PRO B 182 2.02 5.55 -20.14
CA PRO B 182 1.30 5.54 -21.42
C PRO B 182 2.29 5.64 -22.60
N LEU B 183 2.17 4.71 -23.54
CA LEU B 183 3.12 4.60 -24.68
C LEU B 183 3.29 5.95 -25.39
N PRO B 184 2.22 6.75 -25.63
CA PRO B 184 2.41 8.00 -26.38
C PRO B 184 3.33 8.98 -25.63
N THR B 185 3.35 8.93 -24.30
CA THR B 185 4.26 9.79 -23.50
C THR B 185 5.69 9.37 -23.80
N THR B 186 5.96 8.07 -23.81
CA THR B 186 7.30 7.49 -24.09
C THR B 186 7.74 7.93 -25.50
N LEU B 187 6.90 7.74 -26.53
CA LEU B 187 7.30 7.90 -27.95
C LEU B 187 7.48 9.38 -28.26
N ASP B 188 6.57 10.24 -27.79
CA ASP B 188 6.64 11.69 -28.03
C ASP B 188 7.87 12.27 -27.34
N THR B 189 8.19 11.81 -26.12
CA THR B 189 9.38 12.31 -25.38
C THR B 189 10.64 11.87 -26.16
N ILE B 190 10.75 10.62 -26.54
CA ILE B 190 11.91 10.09 -27.30
C ILE B 190 12.06 10.95 -28.58
N LYS B 191 10.99 11.13 -29.35
CA LYS B 191 11.05 11.93 -30.59
C LYS B 191 11.55 13.34 -30.29
N GLU B 192 10.96 14.05 -29.32
CA GLU B 192 11.34 15.44 -28.98
C GLU B 192 12.81 15.51 -28.55
N ALA B 193 13.26 14.54 -27.73
CA ALA B 193 14.65 14.54 -27.20
C ALA B 193 15.60 14.27 -28.37
N HIS B 194 15.30 13.27 -29.20
CA HIS B 194 16.16 13.00 -30.38
C HIS B 194 16.26 14.26 -31.25
N SER B 195 15.15 14.95 -31.55
CA SER B 195 15.11 16.14 -32.46
C SER B 195 16.01 17.25 -31.91
N ARG B 196 16.29 17.26 -30.60
CA ARG B 196 17.15 18.29 -29.97
C ARG B 196 18.58 17.79 -29.81
N GLY B 197 18.89 16.58 -30.29
CA GLY B 197 20.25 16.03 -30.21
C GLY B 197 20.52 15.40 -28.86
N VAL B 198 19.48 15.04 -28.10
CA VAL B 198 19.66 14.19 -26.89
C VAL B 198 19.89 12.76 -27.35
N TYR B 199 20.83 12.04 -26.73
CA TYR B 199 21.01 10.58 -26.88
C TYR B 199 19.89 9.87 -26.09
N THR B 200 18.98 9.23 -26.85
CA THR B 200 17.74 8.60 -26.34
C THR B 200 17.98 7.13 -26.12
N VAL B 201 17.62 6.64 -24.92
CA VAL B 201 17.76 5.22 -24.51
C VAL B 201 16.36 4.71 -24.23
N PHE B 202 15.98 3.63 -24.89
CA PHE B 202 14.63 3.04 -24.76
C PHE B 202 14.80 1.57 -24.38
N ASN B 203 14.32 1.24 -23.19
CA ASN B 203 14.28 -0.12 -22.63
C ASN B 203 12.83 -0.58 -22.72
N SER B 204 12.46 -1.42 -23.69
CA SER B 204 11.05 -1.67 -24.08
C SER B 204 10.48 -2.72 -23.12
N ALA B 205 10.37 -2.33 -21.84
CA ALA B 205 10.03 -3.20 -20.70
C ALA B 205 8.94 -2.50 -19.86
N PRO B 206 7.86 -3.22 -19.46
CA PRO B 206 7.65 -4.61 -19.87
C PRO B 206 7.38 -4.77 -21.38
N ALA B 207 7.46 -6.02 -21.85
CA ALA B 207 7.50 -6.39 -23.27
C ALA B 207 6.31 -5.73 -23.98
N PRO B 208 6.52 -5.04 -25.12
CA PRO B 208 5.41 -4.39 -25.81
C PRO B 208 4.45 -5.43 -26.44
N LYS B 209 3.13 -5.20 -26.33
CA LYS B 209 2.08 -6.03 -26.98
C LYS B 209 2.06 -5.72 -28.48
N PRO B 210 1.44 -6.58 -29.31
CA PRO B 210 1.47 -6.43 -30.76
C PRO B 210 1.15 -5.02 -31.30
N ALA B 211 0.09 -4.40 -30.76
CA ALA B 211 -0.32 -3.02 -31.05
C ALA B 211 0.75 -2.01 -30.63
N GLU B 212 1.44 -2.26 -29.53
CA GLU B 212 2.55 -1.38 -29.05
C GLU B 212 3.72 -1.51 -30.03
N VAL B 213 4.02 -2.72 -30.49
CA VAL B 213 5.14 -2.94 -31.45
C VAL B 213 4.87 -2.13 -32.73
N GLU B 214 3.63 -2.21 -33.27
CA GLU B 214 3.23 -1.47 -34.50
C GLU B 214 3.51 0.02 -34.29
N GLN B 215 3.26 0.57 -33.09
CA GLN B 215 3.41 2.05 -32.88
C GLN B 215 4.87 2.40 -32.58
N ILE B 216 5.63 1.51 -31.93
CA ILE B 216 7.07 1.72 -31.60
C ILE B 216 7.88 1.82 -32.91
N LYS B 217 7.64 0.89 -33.84
CA LYS B 217 8.53 0.66 -35.02
C LYS B 217 8.78 1.98 -35.75
N PRO B 218 7.76 2.78 -36.09
CA PRO B 218 8.04 4.08 -36.71
C PRO B 218 8.85 5.08 -35.86
N PHE B 219 9.02 4.91 -34.53
CA PHE B 219 9.81 5.88 -33.69
C PHE B 219 11.25 5.40 -33.46
N LEU B 220 11.62 4.22 -33.96
CA LEU B 220 12.97 3.62 -33.74
C LEU B 220 14.05 4.49 -34.35
N PRO B 221 13.84 5.17 -35.50
CA PRO B 221 14.82 6.16 -35.97
C PRO B 221 15.19 7.22 -34.93
N TYR B 222 14.30 7.52 -33.96
CA TYR B 222 14.58 8.53 -32.90
C TYR B 222 15.22 7.87 -31.67
N VAL B 223 15.46 6.55 -31.70
CA VAL B 223 16.05 5.79 -30.55
C VAL B 223 17.55 5.66 -30.79
N SER B 224 18.37 6.44 -30.07
CA SER B 224 19.86 6.38 -30.14
C SER B 224 20.32 5.00 -29.69
N LEU B 225 19.78 4.51 -28.58
CA LEU B 225 20.12 3.18 -28.03
C LEU B 225 18.84 2.43 -27.68
N PHE B 226 18.61 1.29 -28.33
CA PHE B 226 17.54 0.34 -27.98
C PHE B 226 18.18 -0.75 -27.14
N CYS B 227 17.67 -1.04 -25.94
CA CYS B 227 18.31 -1.95 -24.95
CA CYS B 227 18.31 -1.96 -24.97
C CYS B 227 17.29 -2.92 -24.38
N PRO B 228 16.74 -3.86 -25.19
CA PRO B 228 15.80 -4.88 -24.70
C PRO B 228 16.51 -6.10 -24.10
N ASN B 229 15.74 -6.99 -23.47
CA ASN B 229 16.15 -8.39 -23.17
C ASN B 229 15.84 -9.28 -24.40
N GLU B 230 15.86 -10.61 -24.27
CA GLU B 230 15.68 -11.55 -25.43
C GLU B 230 14.26 -11.43 -25.99
N VAL B 231 13.27 -11.67 -25.12
CA VAL B 231 11.80 -11.59 -25.40
C VAL B 231 11.52 -10.28 -26.14
N GLU B 232 11.94 -9.15 -25.58
CA GLU B 232 11.56 -7.82 -26.12
C GLU B 232 12.18 -7.67 -27.52
N ALA B 233 13.41 -8.14 -27.72
CA ALA B 233 14.08 -8.13 -29.04
C ALA B 233 13.28 -8.99 -30.03
N THR B 234 12.79 -10.16 -29.58
CA THR B 234 12.03 -11.15 -30.39
C THR B 234 10.76 -10.51 -30.93
N LEU B 235 10.02 -9.85 -30.03
CA LEU B 235 8.71 -9.22 -30.31
C LEU B 235 8.86 -8.06 -31.30
N ILE B 236 9.91 -7.26 -31.17
CA ILE B 236 10.12 -6.07 -32.05
C ILE B 236 10.63 -6.50 -33.44
N THR B 237 11.55 -7.47 -33.49
CA THR B 237 12.29 -7.84 -34.74
C THR B 237 11.57 -8.97 -35.49
N GLY B 238 10.85 -9.83 -34.76
CA GLY B 238 10.33 -11.13 -35.23
C GLY B 238 11.41 -12.21 -35.22
N VAL B 239 12.68 -11.81 -35.04
CA VAL B 239 13.88 -12.69 -34.89
C VAL B 239 13.82 -13.37 -33.51
N LYS B 240 13.59 -14.70 -33.44
CA LYS B 240 13.53 -15.46 -32.15
C LYS B 240 14.92 -15.44 -31.50
N VAL B 241 15.09 -14.69 -30.40
CA VAL B 241 16.40 -14.55 -29.68
C VAL B 241 16.40 -15.47 -28.45
N THR B 242 17.34 -16.43 -28.45
CA THR B 242 17.53 -17.46 -27.41
C THR B 242 19.00 -17.50 -26.98
N ASP B 243 19.90 -16.81 -27.71
CA ASP B 243 21.38 -16.94 -27.61
C ASP B 243 22.09 -15.85 -28.43
N THR B 244 23.43 -15.92 -28.47
CA THR B 244 24.35 -14.90 -29.02
C THR B 244 24.14 -14.76 -30.53
N GLU B 245 24.18 -15.89 -31.25
CA GLU B 245 24.12 -15.93 -32.74
C GLU B 245 22.82 -15.24 -33.19
N SER B 246 21.66 -15.70 -32.69
CA SER B 246 20.33 -15.09 -32.97
C SER B 246 20.31 -13.61 -32.53
N ALA B 247 20.90 -13.28 -31.37
CA ALA B 247 20.90 -11.91 -30.81
C ALA B 247 21.61 -10.97 -31.80
N PHE B 248 22.67 -11.45 -32.48
CA PHE B 248 23.42 -10.67 -33.50
C PHE B 248 22.50 -10.40 -34.70
N SER B 249 21.60 -11.33 -35.03
CA SER B 249 20.61 -11.16 -36.15
C SER B 249 19.63 -10.05 -35.74
N ALA B 250 19.05 -10.19 -34.56
CA ALA B 250 18.14 -9.18 -33.96
C ALA B 250 18.86 -7.83 -34.00
N ILE B 251 20.15 -7.74 -33.66
CA ILE B 251 20.90 -6.44 -33.73
C ILE B 251 20.82 -5.85 -35.15
N LYS B 252 21.20 -6.62 -36.16
CA LYS B 252 21.16 -6.16 -37.58
C LYS B 252 19.73 -5.68 -37.91
N ALA B 253 18.68 -6.41 -37.49
CA ALA B 253 17.25 -6.11 -37.77
C ALA B 253 16.87 -4.75 -37.16
N LEU B 254 17.37 -4.45 -35.95
CA LEU B 254 17.11 -3.17 -35.23
C LEU B 254 17.87 -2.01 -35.91
N GLN B 255 19.08 -2.23 -36.42
CA GLN B 255 19.81 -1.20 -37.23
C GLN B 255 18.98 -0.90 -38.49
N GLN B 256 18.34 -1.92 -39.07
CA GLN B 256 17.49 -1.79 -40.28
C GLN B 256 16.26 -0.93 -39.93
N LEU B 257 15.67 -1.14 -38.74
CA LEU B 257 14.49 -0.36 -38.26
C LEU B 257 14.93 1.07 -37.87
N GLY B 258 16.25 1.33 -37.84
CA GLY B 258 16.83 2.67 -37.81
C GLY B 258 17.50 3.00 -36.48
N VAL B 259 17.71 2.01 -35.60
CA VAL B 259 18.38 2.26 -34.29
C VAL B 259 19.89 2.34 -34.55
N ARG B 260 20.51 3.42 -34.08
CA ARG B 260 21.98 3.69 -34.21
C ARG B 260 22.74 2.62 -33.40
N ASP B 261 22.60 2.67 -32.07
CA ASP B 261 23.28 1.73 -31.12
C ASP B 261 22.27 0.72 -30.58
N VAL B 262 22.65 -0.54 -30.53
CA VAL B 262 21.79 -1.64 -30.02
C VAL B 262 22.55 -2.42 -28.94
N VAL B 263 21.88 -2.76 -27.84
CA VAL B 263 22.41 -3.62 -26.74
C VAL B 263 21.28 -4.57 -26.38
N ILE B 264 21.55 -5.86 -26.27
CA ILE B 264 20.53 -6.85 -25.84
C ILE B 264 21.11 -7.62 -24.67
N THR B 265 20.47 -7.51 -23.51
CA THR B 265 20.88 -8.20 -22.27
C THR B 265 20.34 -9.63 -22.37
N LEU B 266 21.03 -10.57 -21.72
CA LEU B 266 20.91 -12.04 -21.92
C LEU B 266 20.95 -12.71 -20.56
N GLY B 267 20.55 -12.03 -19.49
CA GLY B 267 20.59 -12.63 -18.15
C GLY B 267 22.01 -13.01 -17.77
N ALA B 268 22.20 -14.21 -17.20
CA ALA B 268 23.51 -14.77 -16.78
C ALA B 268 24.48 -14.88 -17.97
N ALA B 269 24.02 -14.76 -19.21
CA ALA B 269 24.87 -14.80 -20.42
C ALA B 269 25.41 -13.41 -20.77
N GLY B 270 25.15 -12.39 -19.93
CA GLY B 270 25.68 -11.02 -20.09
C GLY B 270 24.91 -10.17 -21.08
N PHE B 271 25.55 -9.74 -22.17
CA PHE B 271 24.94 -8.95 -23.26
C PHE B 271 25.67 -9.10 -24.59
N VAL B 272 24.99 -8.70 -25.65
CA VAL B 272 25.58 -8.36 -26.98
C VAL B 272 25.29 -6.89 -27.27
N LEU B 273 26.13 -6.23 -28.08
CA LEU B 273 25.87 -4.85 -28.57
C LEU B 273 26.55 -4.62 -29.92
N SER B 274 26.16 -3.51 -30.59
CA SER B 274 26.83 -2.88 -31.76
C SER B 274 26.76 -1.34 -31.66
N GLU B 275 27.93 -0.67 -31.60
CA GLU B 275 28.07 0.81 -31.70
C GLU B 275 27.93 1.22 -33.17
N ASN B 276 26.86 1.94 -33.51
CA ASN B 276 26.65 2.60 -34.82
C ASN B 276 26.98 1.63 -35.99
N GLY B 277 26.58 0.36 -35.93
CA GLY B 277 26.62 -0.58 -37.06
C GLY B 277 27.96 -1.29 -37.26
N ALA B 278 28.85 -1.25 -36.26
CA ALA B 278 30.14 -1.97 -36.21
C ALA B 278 29.86 -3.43 -35.84
N GLU B 279 30.80 -4.34 -36.10
CA GLU B 279 30.58 -5.79 -35.92
C GLU B 279 30.12 -6.01 -34.48
N PRO B 280 29.02 -6.76 -34.26
CA PRO B 280 28.62 -7.16 -32.90
C PRO B 280 29.72 -7.69 -31.99
N VAL B 281 29.45 -7.67 -30.67
CA VAL B 281 30.30 -8.23 -29.57
C VAL B 281 29.39 -8.93 -28.55
N HIS B 282 29.85 -10.07 -28.05
CA HIS B 282 29.30 -10.76 -26.86
C HIS B 282 30.23 -10.49 -25.69
N VAL B 283 29.69 -10.09 -24.55
CA VAL B 283 30.42 -10.16 -23.25
C VAL B 283 29.56 -11.03 -22.34
N THR B 284 30.16 -12.05 -21.75
CA THR B 284 29.37 -13.04 -20.97
C THR B 284 29.06 -12.46 -19.60
N GLY B 285 28.19 -13.12 -18.85
CA GLY B 285 27.84 -12.68 -17.50
C GLY B 285 28.97 -12.98 -16.54
N LYS B 286 29.07 -12.17 -15.49
CA LYS B 286 29.93 -12.47 -14.33
C LYS B 286 29.38 -13.72 -13.67
N HIS B 287 30.25 -14.58 -13.16
CA HIS B 287 29.86 -15.77 -12.38
C HIS B 287 29.74 -15.32 -10.93
N VAL B 288 28.52 -15.38 -10.40
CA VAL B 288 28.15 -14.92 -9.02
C VAL B 288 27.04 -15.84 -8.52
N LYS B 289 26.89 -15.94 -7.19
CA LYS B 289 25.79 -16.63 -6.48
C LYS B 289 24.54 -15.72 -6.56
N ALA B 290 23.66 -15.94 -7.53
CA ALA B 290 22.38 -15.19 -7.74
C ALA B 290 21.37 -15.56 -6.66
N VAL B 291 21.12 -14.66 -5.71
CA VAL B 291 20.15 -14.83 -4.58
C VAL B 291 18.80 -14.20 -4.99
N ASP B 292 18.81 -13.12 -5.76
CA ASP B 292 17.57 -12.41 -6.10
C ASP B 292 17.86 -11.49 -7.29
N THR B 293 17.38 -11.83 -8.46
CA THR B 293 17.70 -11.08 -9.70
C THR B 293 16.70 -9.93 -9.90
N THR B 294 15.71 -9.74 -9.02
CA THR B 294 14.69 -8.69 -9.25
C THR B 294 15.37 -7.33 -9.44
N GLY B 295 15.01 -6.63 -10.51
CA GLY B 295 15.48 -5.28 -10.89
C GLY B 295 16.89 -5.26 -11.46
N ALA B 296 17.48 -6.43 -11.73
CA ALA B 296 18.84 -6.52 -12.30
C ALA B 296 18.90 -5.75 -13.61
N GLY B 297 17.91 -5.88 -14.47
CA GLY B 297 17.86 -5.21 -15.79
C GLY B 297 17.81 -3.72 -15.67
N ASP B 298 17.06 -3.22 -14.68
CA ASP B 298 16.94 -1.77 -14.44
C ASP B 298 18.31 -1.28 -13.95
N CYS B 299 18.96 -2.06 -13.11
CA CYS B 299 20.33 -1.75 -12.61
C CYS B 299 21.27 -1.65 -13.81
N PHE B 300 21.23 -2.64 -14.70
CA PHE B 300 22.08 -2.65 -15.91
C PHE B 300 21.84 -1.35 -16.69
N VAL B 301 20.59 -1.01 -17.02
CA VAL B 301 20.30 0.16 -17.89
C VAL B 301 20.75 1.47 -17.25
N GLY B 302 20.40 1.71 -15.99
CA GLY B 302 20.73 3.00 -15.36
C GLY B 302 22.24 3.17 -15.22
N SER B 303 22.92 2.10 -14.76
CA SER B 303 24.40 2.02 -14.62
C SER B 303 25.04 2.31 -15.98
N MET B 304 24.56 1.65 -17.03
CA MET B 304 25.10 1.84 -18.42
C MET B 304 25.08 3.33 -18.75
N VAL B 305 23.95 4.01 -18.52
CA VAL B 305 23.82 5.42 -18.96
C VAL B 305 24.70 6.30 -18.08
N TYR B 306 24.80 5.96 -16.80
CA TYR B 306 25.68 6.71 -15.89
C TYR B 306 27.09 6.69 -16.47
N PHE B 307 27.60 5.50 -16.81
CA PHE B 307 29.00 5.34 -17.30
C PHE B 307 29.16 6.11 -18.63
N MET B 308 28.17 6.10 -19.51
CA MET B 308 28.26 6.89 -20.78
C MET B 308 28.29 8.39 -20.44
N SER B 309 27.53 8.85 -19.43
CA SER B 309 27.54 10.28 -19.05
C SER B 309 28.93 10.63 -18.51
N ARG B 310 29.66 9.68 -17.93
CA ARG B 310 31.02 9.97 -17.41
C ARG B 310 32.04 9.98 -18.57
N GLY B 311 31.62 9.61 -19.78
CA GLY B 311 32.42 9.73 -21.02
C GLY B 311 32.89 8.36 -21.53
N ARG B 312 32.52 7.26 -20.87
CA ARG B 312 32.78 5.91 -21.41
C ARG B 312 32.02 5.72 -22.71
N ASN B 313 32.59 4.98 -23.65
CA ASN B 313 31.89 4.58 -24.89
C ASN B 313 30.97 3.40 -24.54
N LEU B 314 30.12 2.99 -25.48
CA LEU B 314 29.00 2.06 -25.21
C LEU B 314 29.52 0.74 -24.65
N LEU B 315 30.64 0.22 -25.16
CA LEU B 315 31.09 -1.12 -24.73
C LEU B 315 31.67 -1.02 -23.32
N GLU B 316 32.47 0.01 -23.04
CA GLU B 316 33.08 0.26 -21.71
C GLU B 316 31.94 0.46 -20.69
N ALA B 317 30.93 1.23 -21.07
CA ALA B 317 29.73 1.50 -20.21
C ALA B 317 29.02 0.18 -19.92
N CYS B 318 28.71 -0.62 -20.94
CA CYS B 318 27.96 -1.89 -20.77
C CYS B 318 28.79 -2.92 -20.01
N LYS B 319 30.12 -2.94 -20.16
CA LYS B 319 30.96 -3.89 -19.39
C LYS B 319 30.80 -3.60 -17.89
N ARG B 320 30.79 -2.34 -17.50
CA ARG B 320 30.70 -1.93 -16.06
C ARG B 320 29.25 -2.12 -15.55
N ALA B 321 28.25 -1.84 -16.41
CA ALA B 321 26.81 -2.05 -16.14
C ALA B 321 26.59 -3.54 -15.83
N ASN B 322 27.23 -4.41 -16.62
CA ASN B 322 27.19 -5.88 -16.47
C ASN B 322 27.75 -6.25 -15.09
N GLU B 323 28.83 -5.61 -14.65
CA GLU B 323 29.42 -5.88 -13.31
C GLU B 323 28.46 -5.40 -12.21
N CYS B 324 27.88 -4.21 -12.39
CA CYS B 324 26.93 -3.63 -11.41
C CYS B 324 25.71 -4.55 -11.25
N ALA B 325 25.15 -5.07 -12.35
CA ALA B 325 23.93 -5.92 -12.35
C ALA B 325 24.22 -7.28 -11.73
N ALA B 326 25.37 -7.84 -12.05
CA ALA B 326 25.89 -9.07 -11.39
C ALA B 326 25.89 -8.85 -9.88
N ILE B 327 26.46 -7.74 -9.41
CA ILE B 327 26.54 -7.47 -7.94
C ILE B 327 25.11 -7.38 -7.37
N SER B 328 24.19 -6.74 -8.09
CA SER B 328 22.80 -6.57 -7.59
C SER B 328 22.16 -7.94 -7.36
N VAL B 329 22.42 -8.94 -8.22
CA VAL B 329 21.72 -10.25 -8.09
C VAL B 329 22.21 -11.05 -6.89
N THR B 330 23.27 -10.62 -6.20
CA THR B 330 23.83 -11.35 -5.04
C THR B 330 23.10 -10.98 -3.76
N ARG B 331 22.18 -10.02 -3.78
CA ARG B 331 21.46 -9.54 -2.57
C ARG B 331 19.97 -9.31 -2.93
N LYS B 332 19.07 -9.55 -1.98
CA LYS B 332 17.61 -9.20 -2.05
C LYS B 332 17.47 -7.67 -2.03
N GLY B 333 16.35 -7.11 -2.45
CA GLY B 333 15.95 -5.74 -2.11
C GLY B 333 15.68 -4.86 -3.32
N THR B 334 15.82 -5.36 -4.54
CA THR B 334 15.70 -4.54 -5.80
C THR B 334 16.57 -3.29 -5.70
N GLN B 335 16.02 -2.11 -5.45
CA GLN B 335 16.88 -0.89 -5.38
C GLN B 335 17.93 -1.02 -4.28
N LEU B 336 17.61 -1.66 -3.15
CA LEU B 336 18.55 -1.78 -2.02
C LEU B 336 19.74 -2.64 -2.43
N SER B 337 19.62 -3.47 -3.46
CA SER B 337 20.75 -4.33 -3.91
C SER B 337 21.64 -3.59 -4.91
N TYR B 338 21.22 -2.43 -5.43
CA TYR B 338 22.04 -1.62 -6.36
C TYR B 338 23.23 -1.02 -5.62
N PRO B 339 24.44 -1.18 -6.19
CA PRO B 339 25.66 -0.77 -5.50
C PRO B 339 25.81 0.75 -5.46
N HIS B 340 26.43 1.22 -4.38
CA HIS B 340 27.10 2.53 -4.25
C HIS B 340 28.56 2.41 -4.65
N PRO B 341 29.24 3.47 -5.16
CA PRO B 341 30.65 3.40 -5.53
C PRO B 341 31.61 2.82 -4.47
N SER B 342 31.40 3.12 -3.19
CA SER B 342 32.26 2.64 -2.07
C SER B 342 32.16 1.12 -1.88
N GLU B 343 31.08 0.52 -2.37
CA GLU B 343 30.85 -0.94 -2.22
C GLU B 343 31.48 -1.72 -3.39
N LEU B 344 31.76 -1.06 -4.51
CA LEU B 344 32.23 -1.71 -5.76
C LEU B 344 33.69 -2.16 -5.57
N PRO B 345 34.07 -3.33 -6.11
CA PRO B 345 35.48 -3.70 -6.16
C PRO B 345 36.23 -2.64 -7.00
N ALA B 346 37.51 -2.44 -6.69
CA ALA B 346 38.42 -1.57 -7.47
C ALA B 346 38.26 -1.92 -8.96
N GLY B 347 38.25 -0.90 -9.81
CA GLY B 347 38.35 -1.04 -11.27
C GLY B 347 36.99 -1.10 -11.95
N VAL B 348 35.90 -0.79 -11.25
CA VAL B 348 34.54 -0.69 -11.86
C VAL B 348 34.27 0.78 -12.20
N MET B 349 34.39 1.68 -11.22
CA MET B 349 34.05 3.12 -11.37
C MET B 349 34.94 3.78 -12.42
PG ACP C . -19.67 -8.20 6.80
O1G ACP C . -19.95 -7.87 5.35
O2G ACP C . -18.29 -7.45 7.23
O3G ACP C . -19.55 -9.78 7.14
PB ACP C . -20.81 -7.19 9.47
O1B ACP C . -19.88 -6.01 9.58
O2B ACP C . -20.31 -8.41 10.32
C3B ACP C . -21.16 -7.63 7.72
PA ACP C . -23.24 -7.70 10.89
O1A ACP C . -22.77 -8.05 12.25
O2A ACP C . -23.65 -8.61 9.71
O3A ACP C . -22.23 -6.72 10.11
O5' ACP C . -24.40 -6.63 11.24
C5' ACP C . -24.28 -5.75 12.34
C4' ACP C . -25.42 -4.81 12.33
O4' ACP C . -25.54 -4.20 11.06
C3' ACP C . -26.74 -5.51 12.57
O3' ACP C . -26.89 -5.77 13.96
C2' ACP C . -27.68 -4.53 11.89
O2' ACP C . -27.88 -3.40 12.72
C1' ACP C . -26.90 -4.08 10.67
N9 ACP C . -27.12 -4.93 9.47
C8 ACP C . -26.24 -5.81 8.88
N7 ACP C . -26.75 -6.40 7.78
C5 ACP C . -27.98 -5.86 7.64
C6 ACP C . -29.08 -6.00 6.66
N6 ACP C . -28.91 -6.86 5.66
N1 ACP C . -30.23 -5.32 6.85
C2 ACP C . -30.36 -4.46 7.87
N3 ACP C . -29.40 -4.25 8.79
C4 ACP C . -28.22 -4.92 8.74
C1 GOL D . -6.32 0.49 -13.49
O1 GOL D . -5.28 1.24 -14.12
C2 GOL D . -6.37 0.68 -11.99
O2 GOL D . -6.92 -0.50 -11.43
C3 GOL D . -5.02 0.93 -11.37
O3 GOL D . -4.60 2.27 -11.55
C1 GOL E . -9.92 -3.59 7.84
O1 GOL E . -9.42 -4.04 6.60
C2 GOL E . -11.43 -3.70 7.98
O2 GOL E . -11.77 -3.70 9.36
C3 GOL E . -12.19 -2.58 7.30
O3 GOL E . -13.54 -2.96 7.02
C1 GOL F . -4.51 -11.20 18.06
O1 GOL F . -5.70 -11.33 18.83
C2 GOL F . -4.77 -11.18 16.56
O2 GOL F . -4.60 -9.84 16.09
C3 GOL F . -6.13 -11.73 16.15
CL CL G . 2.68 12.82 13.52
CL CL H . -12.47 5.00 3.29
CL CL I . 6.13 -4.10 8.53
NA NA J . -17.61 16.84 14.71
NA NA K . -15.13 14.39 17.48
NA NA L . -21.96 -0.17 3.72
PG ACP M . 14.07 -10.62 -13.24
O1G ACP M . 14.11 -11.39 -11.95
O2G ACP M . 13.43 -9.15 -12.91
O3G ACP M . 13.31 -11.40 -14.45
PB ACP M . 15.86 -9.12 -14.97
O1B ACP M . 15.68 -7.79 -14.32
O2B ACP M . 14.85 -9.30 -16.21
C3B ACP M . 15.78 -10.51 -13.84
PA ACP M . 17.94 -9.84 -16.82
O1A ACP M . 17.54 -9.09 -18.03
O2A ACP M . 17.68 -11.28 -16.41
O3A ACP M . 17.38 -9.02 -15.55
O5' ACP M . 19.50 -9.55 -16.67
C5' ACP M . 20.00 -8.21 -16.83
C4' ACP M . 21.45 -8.16 -16.45
O4' ACP M . 21.68 -8.55 -15.06
C3' ACP M . 22.22 -9.18 -17.30
O3' ACP M . 22.58 -8.61 -18.56
C2' ACP M . 23.39 -9.40 -16.39
O2' ACP M . 24.26 -8.27 -16.54
C1' ACP M . 22.80 -9.39 -15.00
N9 ACP M . 22.35 -10.70 -14.54
C8 ACP M . 21.09 -11.19 -14.44
N7 ACP M . 21.10 -12.41 -13.92
C5 ACP M . 22.38 -12.73 -13.69
C6 ACP M . 23.09 -13.88 -13.12
N6 ACP M . 22.40 -14.95 -12.72
N1 ACP M . 24.43 -13.84 -13.05
C2 ACP M . 25.12 -12.78 -13.44
N3 ACP M . 24.55 -11.66 -13.94
C4 ACP M . 23.19 -11.60 -14.07
CL CL N . 20.99 0.62 0.36
CL CL O . -5.98 5.76 -8.07
CL CL P . 13.44 -0.25 -1.66
CL CL Q . 6.17 18.03 -3.17
NA NA R . 22.77 12.53 -8.36
NA NA S . 25.73 11.21 -4.99
NA NA T . 19.13 -8.10 -6.26
#